data_3N7B
#
_entry.id   3N7B
#
_cell.length_a   108.682
_cell.length_b   133.662
_cell.length_c   64.748
_cell.angle_alpha   90.000
_cell.angle_beta   90.000
_cell.angle_gamma   90.000
#
_symmetry.space_group_name_H-M   'P 21 21 2'
#
loop_
_entity.id
_entity.type
_entity.pdbx_description
1 polymer 'SgraIR restriction enzyme'
2 polymer "DNA (5'-D(*AP*GP*TP*CP*CP*AP*CP*CP*GP*GP*GP*GP*GP*AP*CP*T)-3')"
3 polymer "DNA (5'-D(*AP*GP*TP*CP*CP*CP*CP*CP*GP*GP*TP*GP*GP*AP*CP*T)-3')"
4 non-polymer 'CALCIUM ION'
5 water water
#
loop_
_entity_poly.entity_id
_entity_poly.type
_entity_poly.pdbx_seq_one_letter_code
_entity_poly.pdbx_strand_id
1 'polypeptide(L)'
;PFTYSIEATRNLATTERCIQDIRNAPVRNRSTQFQLAQQNMLAYTFGEVIPGFASAGINGMDYRDVIGRPVENAVTEGTH
FFRDDFRVDSNAKAKVAGDIFEIVSSAVMWNCAARWNSLMVGEGWRSQPRYSRPTLSPSPRRQVAVLNLPRSFDWVSLLV
PESQEVIEEFRAGLRKDGLGLPTSTPDLAVVVLPEEFQNDEMWREEIAGLTRPNQILLSGAYQRLQGRVQPGEISLAVAF
KRSLRSDRLYQPLYEANVMQLLLEGKLGAPKVEFEVHTLAPEGTNAFVTYEAASLYGLAEGRSAVHRAIRELYVPPTAAD
LARRFFAFLNERMELVNG
;
A,B
2 'polydeoxyribonucleotide' (DA)(DG)(DT)(DC)(DC)(DA)(DC)(DC)(DG)(DG)(DG)(DG)(DG)(DA)(DC)(DT) C
3 'polydeoxyribonucleotide' (DA)(DG)(DT)(DC)(DC)(DC)(DC)(DC)(DG)(DG)(DT)(DG)(DG)(DA)(DC)(DT) D
#
loop_
_chem_comp.id
_chem_comp.type
_chem_comp.name
_chem_comp.formula
CA non-polymer 'CALCIUM ION' 'Ca 2'
DA DNA linking 2'-DEOXYADENOSINE-5'-MONOPHOSPHATE 'C10 H14 N5 O6 P'
DC DNA linking 2'-DEOXYCYTIDINE-5'-MONOPHOSPHATE 'C9 H14 N3 O7 P'
DG DNA linking 2'-DEOXYGUANOSINE-5'-MONOPHOSPHATE 'C10 H14 N5 O7 P'
DT DNA linking THYMIDINE-5'-MONOPHOSPHATE 'C10 H15 N2 O8 P'
#
# COMPACT_ATOMS: atom_id res chain seq x y z
N PRO A 1 1.51 32.32 -11.45
CA PRO A 1 0.09 32.47 -11.14
C PRO A 1 -0.66 31.19 -11.41
N PHE A 2 -1.97 31.17 -11.13
CA PHE A 2 -2.74 29.95 -11.40
C PHE A 2 -2.71 29.56 -12.89
N THR A 3 -2.88 30.53 -13.80
CA THR A 3 -2.65 30.30 -15.24
C THR A 3 -1.27 30.82 -15.55
N TYR A 4 -0.57 30.14 -16.45
CA TYR A 4 0.84 30.41 -16.71
C TYR A 4 1.07 31.78 -17.34
N SER A 5 2.12 32.44 -16.86
CA SER A 5 2.49 33.79 -17.28
C SER A 5 3.99 33.91 -17.50
N ILE A 6 4.41 34.21 -18.71
CA ILE A 6 5.84 34.24 -19.01
C ILE A 6 6.51 35.35 -18.24
N GLU A 7 5.78 36.41 -17.93
CA GLU A 7 6.36 37.49 -17.18
C GLU A 7 6.54 37.09 -15.73
N ALA A 8 5.52 36.50 -15.11
CA ALA A 8 5.71 36.01 -13.73
C ALA A 8 6.89 35.02 -13.74
N THR A 9 6.97 34.16 -14.76
CA THR A 9 8.12 33.24 -14.90
C THR A 9 9.42 34.01 -15.01
N ARG A 10 9.49 35.05 -15.84
CA ARG A 10 10.75 35.80 -16.07
C ARG A 10 11.23 36.48 -14.81
N ASN A 11 10.30 36.91 -13.98
CA ASN A 11 10.68 37.58 -12.74
C ASN A 11 11.10 36.64 -11.62
N LEU A 12 10.90 35.34 -11.80
CA LEU A 12 11.35 34.43 -10.75
C LEU A 12 12.88 34.53 -10.64
N ALA A 13 13.42 34.56 -9.44
CA ALA A 13 14.82 34.21 -9.22
C ALA A 13 15.05 32.78 -9.74
N THR A 14 16.30 32.43 -10.00
CA THR A 14 16.58 31.09 -10.52
C THR A 14 16.29 30.01 -9.47
N THR A 15 16.48 30.34 -8.20
CA THR A 15 16.14 29.46 -7.11
C THR A 15 14.64 29.23 -6.94
N GLU A 16 13.80 30.13 -7.48
CA GLU A 16 12.34 29.98 -7.36
C GLU A 16 11.70 29.29 -8.60
N ARG A 17 12.52 28.86 -9.54
CA ARG A 17 11.98 28.29 -10.78
C ARG A 17 11.33 26.94 -10.53
N CYS A 18 10.21 26.69 -11.18
CA CYS A 18 9.51 25.45 -11.00
C CYS A 18 10.30 24.25 -11.49
N ILE A 19 11.15 24.42 -12.48
CA ILE A 19 12.05 23.33 -12.89
C ILE A 19 13.49 23.65 -12.49
N GLN A 20 14.16 22.71 -11.86
CA GLN A 20 15.56 22.88 -11.54
C GLN A 20 16.41 21.92 -12.38
N ASP A 21 17.35 22.46 -13.15
CA ASP A 21 18.31 21.70 -13.97
C ASP A 21 19.38 21.12 -13.04
N ILE A 22 19.45 19.80 -12.87
CA ILE A 22 20.54 19.22 -12.09
C ILE A 22 21.46 18.31 -12.97
N ARG A 23 21.45 18.56 -14.29
CA ARG A 23 22.24 17.81 -15.25
C ARG A 23 23.74 17.76 -14.92
N ASN A 24 24.33 18.85 -14.40
CA ASN A 24 25.71 18.87 -13.94
C ASN A 24 25.80 18.83 -12.42
N ALA A 25 24.70 18.59 -11.74
CA ALA A 25 24.72 18.33 -10.29
C ALA A 25 23.89 17.05 -10.04
N PRO A 26 24.33 15.93 -10.60
CA PRO A 26 23.54 14.72 -10.35
C PRO A 26 23.42 14.37 -8.86
N VAL A 27 22.29 13.76 -8.50
CA VAL A 27 22.14 13.19 -7.16
C VAL A 27 22.83 11.80 -7.15
N ARG A 28 23.66 11.51 -6.14
CA ARG A 28 24.17 10.13 -5.94
C ARG A 28 23.11 9.08 -6.33
N ASN A 29 23.51 8.10 -7.12
CA ASN A 29 22.68 6.95 -7.52
C ASN A 29 21.41 7.31 -8.29
N ARG A 30 21.37 8.49 -8.90
CA ARG A 30 20.16 8.94 -9.55
C ARG A 30 20.43 9.66 -10.83
N SER A 31 19.71 9.26 -11.86
CA SER A 31 19.89 9.78 -13.19
C SER A 31 18.99 10.96 -13.48
N THR A 32 18.34 11.52 -12.46
CA THR A 32 17.40 12.64 -12.68
C THR A 32 18.14 13.80 -13.33
N GLN A 33 17.49 14.45 -14.29
CA GLN A 33 18.14 15.53 -15.01
C GLN A 33 17.52 16.84 -14.62
N PHE A 34 16.19 16.91 -14.61
CA PHE A 34 15.49 18.09 -14.08
C PHE A 34 14.57 17.68 -12.92
N GLN A 35 14.64 18.41 -11.81
CA GLN A 35 13.76 18.23 -10.66
C GLN A 35 12.51 19.12 -10.73
N LEU A 36 11.36 18.59 -10.31
CA LEU A 36 10.13 19.39 -10.10
C LEU A 36 10.14 20.06 -8.73
N ALA A 37 10.51 21.33 -8.69
CA ALA A 37 10.62 22.07 -7.44
C ALA A 37 9.23 22.32 -6.87
N GLN A 38 8.70 21.39 -6.09
CA GLN A 38 7.26 21.38 -5.80
C GLN A 38 6.81 22.51 -4.86
N GLN A 39 7.70 22.92 -3.95
CA GLN A 39 7.41 24.08 -3.11
C GLN A 39 7.34 25.29 -4.00
N ASN A 40 8.32 25.42 -4.89
CA ASN A 40 8.26 26.50 -5.87
C ASN A 40 6.97 26.45 -6.73
N MET A 41 6.49 25.26 -7.02
CA MET A 41 5.39 25.14 -7.97
C MET A 41 4.09 25.61 -7.30
N LEU A 42 4.01 25.34 -6.00
CA LEU A 42 2.86 25.73 -5.19
C LEU A 42 2.79 27.24 -5.00
N ALA A 43 3.95 27.87 -4.89
CA ALA A 43 4.05 29.32 -4.79
C ALA A 43 3.66 29.97 -6.11
N TYR A 44 4.18 29.44 -7.21
CA TYR A 44 3.90 30.01 -8.51
C TYR A 44 2.42 29.84 -8.81
N THR A 45 1.92 28.63 -8.68
CA THR A 45 0.59 28.34 -9.16
C THR A 45 -0.48 28.80 -8.17
N PHE A 46 -0.27 28.54 -6.88
CA PHE A 46 -1.27 28.84 -5.88
C PHE A 46 -0.90 29.96 -4.91
N GLY A 47 0.15 30.70 -5.19
CA GLY A 47 0.61 31.71 -4.28
C GLY A 47 -0.42 32.75 -3.88
N GLU A 48 -1.37 32.99 -4.77
CA GLU A 48 -2.48 33.93 -4.54
C GLU A 48 -3.86 33.26 -4.61
N VAL A 49 -3.93 31.93 -4.57
CA VAL A 49 -5.22 31.28 -4.76
C VAL A 49 -5.27 30.08 -3.87
N ILE A 50 -6.25 30.05 -2.96
CA ILE A 50 -6.63 28.85 -2.24
C ILE A 50 -8.00 28.41 -2.76
N PRO A 51 -8.02 27.33 -3.54
CA PRO A 51 -9.22 26.85 -4.12
C PRO A 51 -10.32 26.69 -3.11
N GLY A 52 -11.50 27.15 -3.52
CA GLY A 52 -12.66 27.22 -2.68
C GLY A 52 -12.76 28.54 -1.97
N PHE A 53 -11.68 29.31 -1.94
CA PHE A 53 -11.71 30.64 -1.36
C PHE A 53 -11.24 31.67 -2.36
N ALA A 54 -11.37 31.33 -3.63
CA ALA A 54 -10.87 32.18 -4.68
C ALA A 54 -11.99 32.48 -5.68
N SER A 55 -11.64 32.79 -6.93
CA SER A 55 -12.64 33.11 -7.93
C SER A 55 -13.71 31.99 -8.03
N ALA A 56 -14.96 32.37 -8.27
CA ALA A 56 -16.05 31.39 -8.45
C ALA A 56 -15.67 30.38 -9.52
N GLY A 57 -14.88 30.83 -10.49
CA GLY A 57 -14.40 29.95 -11.56
C GLY A 57 -13.49 28.84 -11.04
N ILE A 58 -12.43 29.23 -10.33
CA ILE A 58 -11.51 28.29 -9.72
C ILE A 58 -12.31 27.43 -8.71
N ASN A 59 -13.12 28.06 -7.86
CA ASN A 59 -13.80 27.35 -6.75
C ASN A 59 -14.68 26.22 -7.26
N GLY A 60 -15.17 26.35 -8.50
CA GLY A 60 -16.07 25.37 -9.12
C GLY A 60 -15.47 24.58 -10.26
N MET A 61 -14.22 24.83 -10.54
CA MET A 61 -13.51 24.05 -11.48
C MET A 61 -13.37 22.61 -10.94
N ASP A 62 -13.35 21.67 -11.87
CA ASP A 62 -13.04 20.25 -11.61
C ASP A 62 -11.70 20.18 -10.83
N TYR A 63 -11.71 19.47 -9.72
CA TYR A 63 -10.64 19.58 -8.75
C TYR A 63 -9.40 18.88 -9.30
N ARG A 64 -9.63 17.84 -10.11
CA ARG A 64 -8.60 17.17 -10.88
C ARG A 64 -7.76 18.15 -11.69
N ASP A 65 -8.39 19.16 -12.26
CA ASP A 65 -7.65 20.09 -13.14
C ASP A 65 -6.94 21.12 -12.31
N VAL A 66 -7.56 21.47 -11.18
CA VAL A 66 -6.95 22.37 -10.22
C VAL A 66 -5.64 21.73 -9.69
N ILE A 67 -5.67 20.44 -9.33
CA ILE A 67 -4.53 19.79 -8.71
C ILE A 67 -3.45 19.44 -9.74
N GLY A 68 -3.88 19.22 -10.97
CA GLY A 68 -2.99 18.98 -12.08
C GLY A 68 -2.31 20.26 -12.57
N ARG A 69 -2.76 21.42 -12.12
CA ARG A 69 -2.21 22.64 -12.67
C ARG A 69 -0.72 22.84 -12.40
N PRO A 70 -0.26 22.53 -11.19
CA PRO A 70 1.18 22.82 -11.01
C PRO A 70 2.10 22.02 -11.91
N VAL A 71 1.81 20.75 -12.13
CA VAL A 71 2.67 20.00 -13.02
C VAL A 71 2.62 20.61 -14.41
N GLU A 72 1.44 21.02 -14.85
CA GLU A 72 1.29 21.58 -16.19
C GLU A 72 2.12 22.85 -16.35
N ASN A 73 1.98 23.77 -15.41
CA ASN A 73 2.76 25.02 -15.42
C ASN A 73 4.27 24.78 -15.38
N ALA A 74 4.68 23.75 -14.65
CA ALA A 74 6.06 23.42 -14.54
C ALA A 74 6.55 22.86 -15.89
N VAL A 75 5.74 22.01 -16.53
CA VAL A 75 6.09 21.47 -17.85
C VAL A 75 6.17 22.61 -18.89
N THR A 76 5.36 23.63 -18.76
CA THR A 76 5.48 24.77 -19.65
C THR A 76 6.79 25.52 -19.45
N GLU A 77 7.18 25.71 -18.20
CA GLU A 77 8.42 26.37 -17.89
C GLU A 77 9.52 25.56 -18.48
N GLY A 78 9.48 24.28 -18.22
CA GLY A 78 10.53 23.44 -18.73
C GLY A 78 10.67 23.52 -20.23
N THR A 79 9.55 23.49 -20.93
CA THR A 79 9.60 23.54 -22.35
C THR A 79 10.22 24.87 -22.79
N HIS A 80 9.96 25.94 -22.05
CA HIS A 80 10.52 27.26 -22.38
C HIS A 80 12.04 27.31 -22.17
N PHE A 81 12.51 27.06 -20.97
CA PHE A 81 13.93 27.07 -20.75
C PHE A 81 14.74 25.99 -21.46
N PHE A 82 14.17 24.81 -21.71
CA PHE A 82 15.00 23.70 -22.20
C PHE A 82 14.57 22.98 -23.49
N ARG A 83 13.45 23.38 -24.08
CA ARG A 83 13.02 22.81 -25.37
C ARG A 83 13.05 21.25 -25.39
N ASP A 84 13.67 20.64 -26.40
CA ASP A 84 13.70 19.18 -26.55
C ASP A 84 14.58 18.52 -25.49
N ASP A 85 15.40 19.30 -24.81
CA ASP A 85 16.27 18.75 -23.79
C ASP A 85 15.43 18.35 -22.56
N PHE A 86 14.31 19.02 -22.34
CA PHE A 86 13.54 18.87 -21.09
C PHE A 86 12.88 17.52 -20.97
N ARG A 87 13.35 16.66 -20.06
CA ARG A 87 12.69 15.37 -19.82
C ARG A 87 12.46 15.23 -18.32
N VAL A 88 11.23 14.93 -17.90
CA VAL A 88 11.01 14.42 -16.52
C VAL A 88 10.32 13.06 -16.46
N ASP A 89 10.65 12.23 -15.48
CA ASP A 89 10.08 10.87 -15.42
C ASP A 89 8.63 10.96 -15.00
N SER A 90 7.83 9.99 -15.42
CA SER A 90 6.45 9.82 -14.91
C SER A 90 6.40 9.80 -13.38
N ASN A 91 7.38 9.13 -12.76
CA ASN A 91 7.38 8.96 -11.33
C ASN A 91 7.65 10.27 -10.57
N ALA A 92 8.24 11.25 -11.25
CA ALA A 92 8.50 12.52 -10.63
C ALA A 92 7.17 13.25 -10.59
N LYS A 93 6.45 13.19 -11.72
CA LYS A 93 5.14 13.84 -11.81
C LYS A 93 4.17 13.20 -10.80
N ALA A 94 4.26 11.90 -10.59
CA ALA A 94 3.36 11.24 -9.66
C ALA A 94 3.68 11.66 -8.27
N LYS A 95 4.96 11.69 -7.93
CA LYS A 95 5.32 12.04 -6.56
C LYS A 95 4.75 13.39 -6.20
N VAL A 96 4.92 14.33 -7.12
CA VAL A 96 4.67 15.73 -6.84
C VAL A 96 3.21 15.98 -6.95
N ALA A 97 2.52 15.38 -7.93
CA ALA A 97 1.03 15.48 -8.01
C ALA A 97 0.36 15.02 -6.68
N GLY A 98 0.80 13.91 -6.12
CA GLY A 98 0.35 13.44 -4.81
C GLY A 98 0.55 14.42 -3.67
N ASP A 99 1.78 14.90 -3.52
CA ASP A 99 2.06 15.82 -2.43
C ASP A 99 1.19 17.02 -2.64
N ILE A 100 1.01 17.46 -3.88
CA ILE A 100 0.25 18.65 -4.15
C ILE A 100 -1.20 18.45 -3.78
N PHE A 101 -1.75 17.26 -4.02
CA PHE A 101 -3.12 16.97 -3.58
C PHE A 101 -3.28 17.07 -2.05
N GLU A 102 -2.35 16.51 -1.26
CA GLU A 102 -2.35 16.62 0.25
C GLU A 102 -2.19 18.08 0.70
N ILE A 103 -1.19 18.75 0.12
CA ILE A 103 -0.86 20.11 0.55
C ILE A 103 -2.01 21.09 0.22
N VAL A 104 -2.54 21.07 -1.01
CA VAL A 104 -3.63 22.00 -1.39
C VAL A 104 -4.95 21.72 -0.63
N SER A 105 -5.35 20.45 -0.61
CA SER A 105 -6.53 20.05 0.16
C SER A 105 -6.41 20.48 1.61
N SER A 106 -5.27 20.28 2.24
CA SER A 106 -5.11 20.77 3.62
C SER A 106 -5.20 22.28 3.76
N ALA A 107 -4.83 23.00 2.71
CA ALA A 107 -4.97 24.44 2.74
C ALA A 107 -6.47 24.84 2.60
N VAL A 108 -7.22 24.13 1.76
CA VAL A 108 -8.65 24.32 1.71
C VAL A 108 -9.27 24.14 3.11
N MET A 109 -8.92 23.03 3.76
CA MET A 109 -9.39 22.73 5.11
C MET A 109 -8.82 23.75 6.16
N TRP A 110 -7.58 24.23 5.98
CA TRP A 110 -7.08 25.30 6.88
C TRP A 110 -7.98 26.55 6.87
N ASN A 111 -8.28 27.04 5.66
CA ASN A 111 -9.15 28.21 5.53
C ASN A 111 -10.57 27.92 6.08
N CYS A 112 -11.06 26.68 5.91
CA CYS A 112 -12.36 26.30 6.45
C CYS A 112 -12.29 26.45 7.97
N ALA A 113 -11.21 25.99 8.57
CA ALA A 113 -11.07 26.10 10.01
C ALA A 113 -11.01 27.56 10.44
N ALA A 114 -10.30 28.42 9.70
CA ALA A 114 -10.22 29.85 10.07
C ALA A 114 -11.62 30.50 10.12
N ARG A 115 -12.39 30.27 9.06
CA ARG A 115 -13.73 30.80 8.97
C ARG A 115 -14.59 30.27 10.10
N TRP A 116 -14.57 28.97 10.28
CA TRP A 116 -15.30 28.31 11.37
C TRP A 116 -14.89 28.85 12.72
N ASN A 117 -13.61 28.99 13.00
CA ASN A 117 -13.21 29.49 14.31
C ASN A 117 -13.65 30.95 14.56
N SER A 118 -13.69 31.78 13.53
CA SER A 118 -14.23 33.14 13.65
C SER A 118 -15.69 33.10 14.12
N LEU A 119 -16.56 32.40 13.40
CA LEU A 119 -17.95 32.21 13.87
C LEU A 119 -17.97 31.76 15.33
N MET A 120 -17.32 30.63 15.59
CA MET A 120 -17.32 30.03 16.91
C MET A 120 -17.00 30.98 18.01
N VAL A 121 -16.27 32.02 17.66
CA VAL A 121 -15.61 32.88 18.63
C VAL A 121 -16.44 34.14 18.95
N GLY A 122 -17.41 34.50 18.10
CA GLY A 122 -18.16 35.72 18.29
C GLY A 122 -17.92 36.76 17.22
N GLU A 123 -16.97 36.46 16.33
CA GLU A 123 -16.80 37.21 15.09
C GLU A 123 -17.81 36.69 14.12
N GLY A 124 -17.65 37.00 12.85
CA GLY A 124 -18.72 36.64 11.91
C GLY A 124 -18.70 35.25 11.26
N TRP A 125 -19.58 35.10 10.28
CA TRP A 125 -19.44 34.16 9.19
C TRP A 125 -19.06 34.91 7.89
N ARG A 126 -17.78 34.99 7.60
CA ARG A 126 -17.34 35.80 6.47
C ARG A 126 -18.01 35.31 5.18
N SER A 127 -18.33 36.22 4.27
CA SER A 127 -19.46 35.99 3.34
C SER A 127 -19.09 35.62 1.97
N GLN A 128 -17.82 35.78 1.66
CA GLN A 128 -17.30 35.48 0.35
C GLN A 128 -16.20 34.43 0.44
N PRO A 129 -16.29 33.37 -0.37
CA PRO A 129 -17.40 32.95 -1.21
C PRO A 129 -18.57 32.54 -0.35
N ARG A 130 -19.81 32.64 -0.85
CA ARG A 130 -20.98 32.34 0.02
C ARG A 130 -20.90 30.85 0.38
N TYR A 131 -20.85 30.52 1.66
CA TYR A 131 -21.07 29.13 2.10
C TYR A 131 -22.19 29.14 3.13
N SER A 132 -23.00 28.11 3.09
CA SER A 132 -24.12 28.06 4.01
C SER A 132 -23.67 28.17 5.49
N ARG A 133 -24.17 29.19 6.19
CA ARG A 133 -23.82 29.42 7.61
C ARG A 133 -24.10 28.21 8.46
N PRO A 134 -23.18 27.87 9.35
CA PRO A 134 -23.46 26.71 10.22
C PRO A 134 -24.48 27.08 11.25
N THR A 135 -25.25 26.08 11.64
CA THR A 135 -26.37 26.25 12.56
C THR A 135 -25.97 25.87 13.95
N LEU A 136 -24.84 25.19 14.15
CA LEU A 136 -24.44 24.82 15.50
C LEU A 136 -24.37 26.06 16.35
N SER A 137 -24.45 25.85 17.65
CA SER A 137 -24.39 26.90 18.62
C SER A 137 -22.90 27.34 18.85
N PRO A 138 -22.55 28.58 18.49
CA PRO A 138 -21.17 29.07 18.67
C PRO A 138 -20.55 28.94 20.06
N SER A 139 -19.31 28.44 20.16
CA SER A 139 -18.50 28.50 21.39
C SER A 139 -17.00 28.44 21.09
N PRO A 140 -16.21 29.25 21.78
CA PRO A 140 -14.75 29.12 21.67
C PRO A 140 -14.22 27.72 21.91
N ARG A 141 -14.91 26.92 22.72
CA ARG A 141 -14.45 25.54 23.05
C ARG A 141 -14.73 24.56 21.93
N ARG A 142 -15.37 25.05 20.86
CA ARG A 142 -15.68 24.30 19.62
C ARG A 142 -14.79 24.67 18.41
N GLN A 143 -13.71 25.40 18.66
CA GLN A 143 -12.71 25.66 17.65
C GLN A 143 -11.87 24.39 17.39
N VAL A 144 -11.32 24.32 16.19
CA VAL A 144 -10.52 23.20 15.76
C VAL A 144 -9.26 23.70 15.08
N ALA A 145 -8.19 22.91 15.17
CA ALA A 145 -6.99 23.14 14.40
C ALA A 145 -6.88 22.05 13.28
N VAL A 146 -6.59 22.48 12.05
CA VAL A 146 -6.23 21.56 10.97
C VAL A 146 -4.70 21.38 10.83
N LEU A 147 -4.23 20.19 11.18
CA LEU A 147 -2.80 19.79 11.14
C LEU A 147 -2.44 18.86 9.97
N ASN A 148 -1.76 19.43 8.96
CA ASN A 148 -0.99 18.64 7.96
C ASN A 148 0.17 17.93 8.65
N LEU A 149 0.05 16.62 8.81
CA LEU A 149 1.06 15.86 9.50
C LEU A 149 2.20 15.52 8.52
N PRO A 150 3.45 15.57 9.00
CA PRO A 150 4.63 15.35 8.15
C PRO A 150 5.06 13.94 7.97
N ARG A 151 5.87 13.74 6.93
CA ARG A 151 6.51 12.47 6.68
C ARG A 151 7.20 12.05 7.97
N SER A 152 6.98 10.78 8.32
CA SER A 152 7.63 10.09 9.42
C SER A 152 7.08 10.40 10.85
N PHE A 153 5.96 11.12 10.91
CA PHE A 153 5.29 11.48 12.13
C PHE A 153 4.67 10.23 12.81
N ASP A 154 4.43 10.39 14.12
CA ASP A 154 3.77 9.42 14.96
C ASP A 154 2.65 10.21 15.61
N TRP A 155 1.42 9.91 15.22
CA TRP A 155 0.29 10.71 15.72
C TRP A 155 0.22 10.67 17.26
N VAL A 156 0.72 9.61 17.89
CA VAL A 156 0.68 9.54 19.33
C VAL A 156 1.37 10.72 20.00
N SER A 157 2.25 11.39 19.27
CA SER A 157 2.93 12.56 19.82
C SER A 157 1.97 13.74 19.96
N LEU A 158 0.86 13.73 19.22
CA LEU A 158 -0.16 14.73 19.46
C LEU A 158 -0.71 14.67 20.89
N LEU A 159 -0.81 13.48 21.48
CA LEU A 159 -1.59 13.36 22.71
C LEU A 159 -0.92 13.98 23.91
N VAL A 160 -1.75 14.33 24.91
CA VAL A 160 -1.30 14.73 26.26
C VAL A 160 -0.47 13.64 26.93
N PRO A 161 0.51 14.04 27.76
CA PRO A 161 1.47 13.07 28.32
C PRO A 161 0.83 11.92 29.07
N GLU A 162 -0.22 12.19 29.82
CA GLU A 162 -0.91 11.14 30.61
C GLU A 162 -1.46 10.05 29.69
N SER A 163 -1.87 10.41 28.48
CA SER A 163 -2.37 9.40 27.56
C SER A 163 -1.24 8.65 26.84
N GLN A 164 -0.09 9.30 26.63
CA GLN A 164 1.06 8.62 26.02
C GLN A 164 1.63 7.57 26.97
N GLU A 165 1.41 7.72 28.27
CA GLU A 165 1.93 6.78 29.26
C GLU A 165 1.10 5.52 29.29
N VAL A 166 -0.22 5.69 29.27
CA VAL A 166 -1.13 4.58 29.13
C VAL A 166 -0.71 3.74 27.93
N ILE A 167 -0.38 4.42 26.82
CA ILE A 167 0.03 3.74 25.57
C ILE A 167 1.44 3.15 25.72
N GLU A 168 2.33 3.83 26.44
CA GLU A 168 3.69 3.27 26.66
C GLU A 168 3.69 2.06 27.59
N GLU A 169 2.82 2.06 28.59
CA GLU A 169 2.80 0.93 29.53
C GLU A 169 2.36 -0.30 28.76
N PHE A 170 1.27 -0.15 27.99
CA PHE A 170 0.77 -1.20 27.09
C PHE A 170 1.83 -1.85 26.18
N ARG A 171 2.57 -1.02 25.46
CA ARG A 171 3.61 -1.53 24.55
C ARG A 171 4.81 -2.05 25.30
N ALA A 172 5.00 -1.59 26.53
CA ALA A 172 5.98 -2.17 27.45
C ALA A 172 5.59 -3.62 27.63
N GLY A 173 4.29 -3.85 27.73
CA GLY A 173 3.74 -5.17 27.88
C GLY A 173 4.00 -6.02 26.67
N LEU A 174 3.84 -5.43 25.49
CA LEU A 174 4.06 -6.19 24.28
C LEU A 174 5.53 -6.54 24.14
N ARG A 175 6.39 -5.61 24.55
CA ARG A 175 7.82 -5.70 24.26
C ARG A 175 8.41 -6.92 24.97
N LYS A 176 7.89 -7.17 26.17
CA LYS A 176 8.29 -8.32 27.00
C LYS A 176 7.88 -9.66 26.38
N ASP A 177 7.14 -9.65 25.26
CA ASP A 177 6.93 -10.85 24.44
C ASP A 177 7.50 -10.71 23.02
N GLY A 178 8.38 -9.73 22.78
CA GLY A 178 8.97 -9.57 21.44
C GLY A 178 7.95 -9.12 20.40
N LEU A 179 7.07 -8.22 20.82
CA LEU A 179 6.06 -7.63 19.96
C LEU A 179 5.99 -6.11 20.20
N GLY A 180 5.53 -5.40 19.17
CA GLY A 180 5.25 -3.99 19.29
C GLY A 180 3.85 -3.69 18.77
N LEU A 181 3.40 -2.45 18.97
CA LEU A 181 2.30 -1.91 18.20
C LEU A 181 2.66 -0.54 17.62
N PRO A 182 3.60 -0.49 16.68
CA PRO A 182 3.99 0.77 16.05
C PRO A 182 2.83 1.62 15.59
N THR A 183 2.97 2.92 15.80
CA THR A 183 2.02 3.85 15.23
C THR A 183 2.75 4.77 14.25
N SER A 184 2.02 5.09 13.20
CA SER A 184 2.54 5.97 12.17
C SER A 184 1.70 7.26 12.13
N THR A 185 1.03 7.52 11.02
CA THR A 185 0.33 8.78 10.85
C THR A 185 -0.72 8.74 9.74
N PRO A 186 -1.88 9.29 9.98
CA PRO A 186 -2.66 9.78 8.86
C PRO A 186 -1.98 11.01 8.21
N ASP A 187 -2.45 11.48 7.07
CA ASP A 187 -1.84 12.65 6.39
C ASP A 187 -2.20 13.97 7.10
N LEU A 188 -3.44 14.03 7.56
CA LEU A 188 -4.01 15.18 8.24
C LEU A 188 -4.86 14.79 9.48
N ALA A 189 -4.82 15.64 10.52
CA ALA A 189 -5.71 15.51 11.66
C ALA A 189 -6.34 16.84 11.92
N VAL A 190 -7.65 16.78 12.16
CA VAL A 190 -8.40 17.92 12.68
C VAL A 190 -8.48 17.69 14.18
N VAL A 191 -7.86 18.56 14.98
CA VAL A 191 -7.94 18.40 16.44
C VAL A 191 -8.80 19.51 17.03
N VAL A 192 -9.42 19.27 18.17
CA VAL A 192 -10.17 20.35 18.83
C VAL A 192 -9.10 21.31 19.33
N LEU A 193 -9.25 22.60 19.09
CA LEU A 193 -8.27 23.55 19.59
C LEU A 193 -8.19 23.44 21.11
N PRO A 194 -6.98 23.27 21.65
CA PRO A 194 -6.82 23.37 23.10
C PRO A 194 -7.10 24.75 23.67
N GLU A 195 -7.48 24.75 24.95
CA GLU A 195 -7.96 25.97 25.62
C GLU A 195 -6.90 27.09 25.64
N GLU A 196 -5.64 26.73 25.92
CA GLU A 196 -4.50 27.67 25.90
C GLU A 196 -4.57 28.58 24.69
N PHE A 197 -5.07 28.02 23.58
CA PHE A 197 -4.95 28.66 22.30
C PHE A 197 -6.25 29.17 21.78
N GLN A 198 -7.35 29.05 22.55
CA GLN A 198 -8.71 29.40 22.07
C GLN A 198 -8.93 30.90 21.89
N ASN A 199 -7.93 31.64 22.30
CA ASN A 199 -7.90 33.06 22.18
C ASN A 199 -6.81 33.58 21.26
N ASP A 200 -6.07 32.68 20.61
CA ASP A 200 -5.03 33.06 19.65
C ASP A 200 -5.61 33.16 18.24
N GLU A 201 -5.08 34.10 17.48
CA GLU A 201 -5.77 34.54 16.32
C GLU A 201 -5.32 33.85 15.09
N MET A 202 -4.08 33.38 15.04
CA MET A 202 -3.61 32.64 13.85
C MET A 202 -4.56 31.51 13.39
N TRP A 203 -5.36 31.00 14.32
CA TRP A 203 -6.27 29.92 14.01
C TRP A 203 -7.55 30.42 13.32
N ARG A 204 -7.77 31.73 13.34
CA ARG A 204 -9.00 32.35 12.79
C ARG A 204 -8.77 33.07 11.46
N GLU A 205 -7.51 33.11 11.03
CA GLU A 205 -7.06 33.77 9.79
C GLU A 205 -6.92 32.86 8.55
N GLU A 206 -7.67 33.20 7.53
CA GLU A 206 -7.57 32.55 6.25
C GLU A 206 -6.30 33.03 5.56
N ILE A 207 -5.63 32.13 4.85
CA ILE A 207 -4.42 32.47 4.08
C ILE A 207 -4.82 32.82 2.64
N ALA A 208 -4.01 33.68 2.02
CA ALA A 208 -4.32 34.23 0.71
C ALA A 208 -3.99 33.28 -0.41
N GLY A 209 -3.11 32.32 -0.10
CA GLY A 209 -2.42 31.50 -1.11
C GLY A 209 -1.20 30.81 -0.50
N LEU A 210 -0.61 29.89 -1.26
CA LEU A 210 0.46 29.02 -0.71
C LEU A 210 1.84 29.58 -1.10
N THR A 211 2.12 30.77 -0.60
CA THR A 211 3.45 31.31 -0.62
C THR A 211 4.28 30.40 0.28
N ARG A 212 5.61 30.47 0.19
CA ARG A 212 6.45 29.68 1.07
C ARG A 212 6.10 29.94 2.51
N PRO A 213 6.02 31.21 2.89
CA PRO A 213 5.67 31.44 4.29
C PRO A 213 4.40 30.71 4.75
N ASN A 214 3.36 30.66 3.93
CA ASN A 214 2.13 30.01 4.37
C ASN A 214 2.24 28.48 4.31
N GLN A 215 2.86 27.97 3.27
CA GLN A 215 3.27 26.57 3.27
C GLN A 215 3.89 26.19 4.60
N ILE A 216 4.80 27.04 5.11
CA ILE A 216 5.50 26.72 6.34
C ILE A 216 4.54 26.83 7.51
N LEU A 217 3.69 27.84 7.53
CA LEU A 217 2.74 28.05 8.63
C LEU A 217 1.88 26.80 8.84
N LEU A 218 1.34 26.33 7.73
CA LEU A 218 0.39 25.18 7.72
C LEU A 218 1.09 23.88 8.06
N SER A 219 2.27 23.65 7.48
CA SER A 219 2.97 22.38 7.70
C SER A 219 3.72 22.36 9.00
N GLY A 220 3.99 23.53 9.57
CA GLY A 220 4.57 23.62 10.91
C GLY A 220 3.59 23.55 12.06
N ALA A 221 2.29 23.64 11.77
CA ALA A 221 1.29 23.92 12.78
C ALA A 221 1.24 22.84 13.84
N TYR A 222 1.50 21.59 13.42
CA TYR A 222 1.53 20.44 14.34
C TYR A 222 2.47 20.58 15.55
N GLN A 223 3.55 21.33 15.43
CA GLN A 223 4.50 21.49 16.58
C GLN A 223 3.90 22.31 17.68
N ARG A 224 2.88 23.10 17.34
CA ARG A 224 2.30 24.03 18.29
C ARG A 224 1.39 23.25 19.23
N LEU A 225 0.86 22.12 18.70
CA LEU A 225 -0.11 21.28 19.40
C LEU A 225 0.40 19.96 20.03
N GLN A 226 1.64 19.57 19.74
CA GLN A 226 2.16 18.29 20.22
C GLN A 226 2.09 18.28 21.72
N GLY A 227 1.72 17.13 22.28
CA GLY A 227 1.58 17.00 23.71
C GLY A 227 0.39 17.73 24.33
N ARG A 228 -0.65 18.08 23.57
CA ARG A 228 -1.73 18.88 24.13
C ARG A 228 -3.16 18.47 23.80
N VAL A 229 -3.32 17.44 22.98
CA VAL A 229 -4.63 17.00 22.56
C VAL A 229 -5.04 15.83 23.45
N GLN A 230 -6.31 15.74 23.79
CA GLN A 230 -6.84 14.61 24.56
C GLN A 230 -7.43 13.63 23.55
N PRO A 231 -7.43 12.34 23.86
CA PRO A 231 -7.84 11.29 22.92
C PRO A 231 -9.17 11.55 22.26
N GLY A 232 -10.09 12.10 23.02
CA GLY A 232 -11.43 12.34 22.53
C GLY A 232 -11.39 13.46 21.53
N GLU A 233 -10.32 14.26 21.56
CA GLU A 233 -10.25 15.48 20.77
C GLU A 233 -9.62 15.29 19.38
N ILE A 234 -9.04 14.11 19.07
CA ILE A 234 -8.69 13.81 17.69
C ILE A 234 -10.06 13.60 17.05
N SER A 235 -10.49 14.47 16.14
CA SER A 235 -11.88 14.41 15.69
C SER A 235 -12.14 14.10 14.21
N LEU A 236 -11.09 14.14 13.41
CA LEU A 236 -11.12 13.66 12.04
C LEU A 236 -9.71 13.41 11.62
N ALA A 237 -9.43 12.19 11.17
CA ALA A 237 -8.20 11.90 10.49
C ALA A 237 -8.51 11.73 8.98
N VAL A 238 -7.67 12.28 8.13
CA VAL A 238 -7.81 12.15 6.69
C VAL A 238 -6.52 11.58 6.01
N ALA A 239 -6.69 10.65 5.06
CA ALA A 239 -5.63 10.12 4.23
C ALA A 239 -5.99 10.58 2.82
N PHE A 240 -5.08 11.29 2.15
CA PHE A 240 -5.27 11.71 0.78
C PHE A 240 -4.57 10.75 -0.17
N LYS A 241 -5.19 10.45 -1.30
CA LYS A 241 -4.61 9.56 -2.35
C LYS A 241 -5.17 10.08 -3.64
N ARG A 242 -4.35 10.68 -4.47
CA ARG A 242 -4.92 11.34 -5.65
C ARG A 242 -5.67 10.32 -6.54
N SER A 243 -5.23 9.07 -6.53
CA SER A 243 -5.85 8.04 -7.31
C SER A 243 -5.61 6.79 -6.54
N LEU A 244 -6.44 5.76 -6.75
CA LEU A 244 -6.38 4.52 -5.97
C LEU A 244 -5.89 3.41 -6.89
N ARG A 245 -5.33 2.37 -6.27
CA ARG A 245 -5.14 1.07 -6.88
C ARG A 245 -5.38 0.07 -5.76
N SER A 246 -5.77 -1.16 -6.07
CA SER A 246 -6.26 -2.03 -5.00
C SER A 246 -5.21 -2.20 -3.90
N ASP A 247 -3.93 -2.28 -4.23
CA ASP A 247 -2.87 -2.51 -3.21
C ASP A 247 -2.55 -1.29 -2.30
N ARG A 248 -2.95 -0.11 -2.79
CA ARG A 248 -2.66 1.16 -2.13
C ARG A 248 -3.80 1.65 -1.24
N LEU A 249 -4.71 0.78 -0.82
CA LEU A 249 -5.78 1.22 0.08
C LEU A 249 -5.48 0.92 1.53
N TYR A 250 -4.49 0.05 1.78
CA TYR A 250 -4.34 -0.56 3.08
C TYR A 250 -3.55 0.20 4.14
N GLN A 251 -2.81 1.24 3.80
CA GLN A 251 -2.17 2.00 4.88
C GLN A 251 -3.22 2.71 5.73
N PRO A 252 -4.11 3.45 5.10
CA PRO A 252 -5.07 4.09 5.98
C PRO A 252 -6.00 3.11 6.73
N LEU A 253 -6.46 2.08 6.02
CA LEU A 253 -7.24 1.03 6.66
C LEU A 253 -6.50 0.49 7.87
N TYR A 254 -5.21 0.17 7.74
CA TYR A 254 -4.44 -0.41 8.87
C TYR A 254 -4.25 0.59 10.02
N GLU A 255 -3.88 1.82 9.69
CA GLU A 255 -3.60 2.79 10.73
C GLU A 255 -4.93 3.23 11.43
N ALA A 256 -6.00 3.42 10.68
CA ALA A 256 -7.33 3.59 11.30
C ALA A 256 -7.60 2.52 12.35
N ASN A 257 -7.25 1.26 12.06
CA ASN A 257 -7.49 0.19 13.02
C ASN A 257 -6.58 0.30 14.22
N VAL A 258 -5.33 0.71 14.01
CA VAL A 258 -4.42 0.93 15.15
C VAL A 258 -4.80 2.17 15.94
N MET A 259 -5.36 3.17 15.28
CA MET A 259 -5.83 4.37 15.97
C MET A 259 -7.00 3.99 16.81
N GLN A 260 -7.95 3.26 16.23
CA GLN A 260 -9.12 2.81 16.96
C GLN A 260 -8.77 1.95 18.17
N LEU A 261 -8.00 0.90 17.98
CA LEU A 261 -7.59 0.04 19.11
C LEU A 261 -7.08 0.88 20.26
N LEU A 262 -6.36 1.94 19.96
CA LEU A 262 -5.62 2.63 21.03
C LEU A 262 -6.47 3.74 21.60
N LEU A 263 -7.11 4.51 20.74
CA LEU A 263 -7.87 5.64 21.24
C LEU A 263 -9.11 5.07 21.91
N GLU A 264 -9.91 4.34 21.13
CA GLU A 264 -11.14 3.70 21.61
C GLU A 264 -10.91 2.63 22.67
N GLY A 265 -10.06 1.67 22.32
CA GLY A 265 -9.86 0.50 23.14
C GLY A 265 -9.02 0.71 24.37
N LYS A 266 -8.00 1.54 24.32
CA LYS A 266 -7.19 1.74 25.50
C LYS A 266 -7.36 3.08 26.20
N LEU A 267 -8.03 4.07 25.60
CA LEU A 267 -8.18 5.36 26.29
C LEU A 267 -9.64 5.83 26.34
N GLY A 268 -10.57 4.90 26.20
CA GLY A 268 -11.98 5.20 26.25
C GLY A 268 -12.49 6.33 25.35
N ALA A 269 -11.81 6.65 24.27
CA ALA A 269 -12.35 7.70 23.40
C ALA A 269 -13.50 7.15 22.60
N PRO A 270 -14.28 8.03 22.00
CA PRO A 270 -15.35 7.65 21.07
C PRO A 270 -14.86 7.19 19.73
N LYS A 271 -15.79 6.69 18.91
CA LYS A 271 -15.52 6.31 17.55
C LYS A 271 -14.56 7.35 16.97
N VAL A 272 -13.41 6.91 16.49
CA VAL A 272 -12.41 7.75 15.84
C VAL A 272 -12.80 7.84 14.38
N GLU A 273 -13.01 9.04 13.87
CA GLU A 273 -13.44 9.22 12.49
C GLU A 273 -12.23 9.41 11.59
N PHE A 274 -12.16 8.60 10.53
CA PHE A 274 -10.99 8.54 9.64
C PHE A 274 -11.53 8.36 8.24
N GLU A 275 -11.27 9.30 7.34
CA GLU A 275 -11.75 9.17 5.96
C GLU A 275 -10.58 9.17 4.95
N VAL A 276 -10.84 8.66 3.76
CA VAL A 276 -9.87 8.74 2.68
C VAL A 276 -10.47 9.58 1.59
N HIS A 277 -9.65 10.46 1.00
CA HIS A 277 -10.08 11.28 -0.13
C HIS A 277 -9.33 10.80 -1.38
N THR A 278 -9.90 11.01 -2.54
CA THR A 278 -9.32 10.58 -3.79
C THR A 278 -10.00 11.28 -4.93
N LEU A 279 -9.26 11.59 -5.99
CA LEU A 279 -9.86 12.05 -7.25
C LEU A 279 -10.03 10.97 -8.35
N ALA A 280 -9.74 9.69 -8.05
CA ALA A 280 -9.74 8.66 -9.12
C ALA A 280 -9.83 7.24 -8.58
N PRO A 281 -11.05 6.77 -8.21
CA PRO A 281 -11.26 5.46 -7.59
C PRO A 281 -11.13 4.20 -8.49
N GLU A 282 -11.08 4.41 -9.81
CA GLU A 282 -11.03 3.31 -10.81
C GLU A 282 -11.94 2.15 -10.38
N GLY A 283 -13.24 2.46 -10.40
CA GLY A 283 -14.31 1.49 -10.08
C GLY A 283 -15.02 1.68 -8.73
N THR A 284 -15.49 0.55 -8.19
CA THR A 284 -16.28 0.49 -6.96
C THR A 284 -15.63 -0.40 -5.84
N ASN A 285 -14.54 -1.12 -6.19
CA ASN A 285 -13.84 -2.00 -5.25
C ASN A 285 -13.51 -1.23 -3.99
N ALA A 286 -12.87 -0.07 -4.14
CA ALA A 286 -12.32 0.62 -2.96
C ALA A 286 -13.40 0.97 -1.92
N PHE A 287 -14.60 1.30 -2.40
CA PHE A 287 -15.76 1.59 -1.52
C PHE A 287 -16.16 0.37 -0.69
N VAL A 288 -16.32 -0.77 -1.33
CA VAL A 288 -16.55 -2.01 -0.56
C VAL A 288 -15.40 -2.33 0.38
N THR A 289 -14.15 -2.04 -0.02
CA THR A 289 -13.02 -2.38 0.81
C THR A 289 -13.12 -1.54 2.09
N TYR A 290 -13.51 -0.29 1.93
CA TYR A 290 -13.57 0.60 3.07
C TYR A 290 -14.89 0.48 3.90
N GLU A 291 -15.61 -0.63 3.78
CA GLU A 291 -16.70 -1.02 4.71
C GLU A 291 -16.20 -2.00 5.80
N ALA A 292 -14.92 -2.29 5.77
CA ALA A 292 -14.36 -3.21 6.72
C ALA A 292 -14.63 -2.66 8.11
N ALA A 293 -15.20 -3.51 8.96
CA ALA A 293 -15.40 -3.21 10.35
C ALA A 293 -14.06 -3.09 11.08
N SER A 294 -13.99 -2.13 11.97
CA SER A 294 -12.86 -1.96 12.82
C SER A 294 -12.64 -3.23 13.66
N LEU A 295 -11.41 -3.72 13.67
CA LEU A 295 -11.11 -5.11 14.05
C LEU A 295 -11.00 -5.40 15.53
N TYR A 296 -10.53 -4.45 16.33
CA TYR A 296 -10.25 -4.70 17.76
C TYR A 296 -11.53 -4.92 18.52
N GLY A 297 -12.47 -3.97 18.32
CA GLY A 297 -13.83 -4.04 18.87
C GLY A 297 -14.80 -4.88 18.02
N LEU A 298 -14.25 -5.93 17.39
CA LEU A 298 -15.00 -7.03 16.83
C LEU A 298 -14.70 -8.24 17.68
N ALA A 299 -13.98 -8.00 18.79
CA ALA A 299 -13.36 -9.09 19.56
C ALA A 299 -13.48 -8.89 21.07
N ARG A 302 -17.49 -7.02 22.75
CA ARG A 302 -18.29 -6.27 23.74
C ARG A 302 -18.59 -4.77 23.39
N SER A 303 -18.29 -4.33 22.16
CA SER A 303 -18.40 -2.91 21.80
C SER A 303 -19.28 -2.70 20.55
N ALA A 304 -19.94 -1.54 20.47
CA ALA A 304 -20.60 -1.18 19.23
C ALA A 304 -19.56 -1.36 18.10
N VAL A 305 -19.97 -2.09 17.08
CA VAL A 305 -19.14 -2.23 15.90
C VAL A 305 -19.35 -1.05 14.98
N HIS A 306 -18.28 -0.51 14.43
CA HIS A 306 -18.38 0.54 13.40
C HIS A 306 -17.33 0.27 12.33
N ARG A 307 -17.31 1.05 11.26
CA ARG A 307 -16.33 0.84 10.21
C ARG A 307 -15.05 1.52 10.66
N ALA A 308 -13.95 1.03 10.12
CA ALA A 308 -12.61 1.57 10.42
C ALA A 308 -12.48 2.94 9.77
N ILE A 309 -12.88 2.99 8.49
CA ILE A 309 -12.83 4.18 7.66
C ILE A 309 -14.24 4.61 7.32
N ARG A 310 -14.62 5.82 7.74
CA ARG A 310 -16.03 6.24 7.72
C ARG A 310 -16.56 6.45 6.33
N GLU A 311 -15.70 6.84 5.38
CA GLU A 311 -16.12 7.21 4.03
C GLU A 311 -14.95 7.37 3.13
N LEU A 312 -15.15 6.96 1.88
CA LEU A 312 -14.25 7.28 0.81
C LEU A 312 -14.87 8.43 0.08
N TYR A 313 -14.31 9.62 0.24
CA TYR A 313 -14.87 10.83 -0.36
C TYR A 313 -14.17 11.17 -1.69
N VAL A 314 -14.91 11.62 -2.70
CA VAL A 314 -14.35 11.89 -4.01
C VAL A 314 -14.70 13.34 -4.41
N PRO A 315 -13.92 14.31 -3.93
CA PRO A 315 -14.25 15.71 -4.16
C PRO A 315 -14.30 16.08 -5.63
N PRO A 316 -15.46 16.49 -6.12
CA PRO A 316 -15.58 16.89 -7.51
C PRO A 316 -15.02 18.27 -7.79
N THR A 317 -15.16 19.17 -6.82
CA THR A 317 -14.68 20.55 -6.91
C THR A 317 -14.19 20.96 -5.54
N ALA A 318 -13.38 22.00 -5.46
CA ALA A 318 -12.86 22.41 -4.17
C ALA A 318 -13.98 22.94 -3.27
N ALA A 319 -14.96 23.64 -3.85
CA ALA A 319 -16.15 24.13 -3.11
C ALA A 319 -16.81 22.99 -2.34
N ASP A 320 -17.00 21.88 -3.05
CA ASP A 320 -17.53 20.66 -2.45
C ASP A 320 -16.70 20.20 -1.28
N LEU A 321 -15.37 20.29 -1.37
CA LEU A 321 -14.54 19.87 -0.23
C LEU A 321 -14.85 20.79 0.98
N ALA A 322 -14.87 22.10 0.74
CA ALA A 322 -15.13 23.06 1.80
C ALA A 322 -16.48 22.84 2.39
N ARG A 323 -17.49 22.74 1.53
CA ARG A 323 -18.84 22.61 2.04
CA ARG A 323 -18.85 22.60 2.06
C ARG A 323 -19.02 21.30 2.84
N ARG A 324 -18.30 20.24 2.45
CA ARG A 324 -18.46 18.96 3.16
C ARG A 324 -17.84 19.00 4.52
N PHE A 325 -16.77 19.76 4.63
CA PHE A 325 -16.03 19.85 5.89
C PHE A 325 -16.77 20.82 6.84
N PHE A 326 -17.28 21.92 6.31
CA PHE A 326 -18.20 22.78 7.11
C PHE A 326 -19.36 21.97 7.63
N ALA A 327 -19.97 21.17 6.77
CA ALA A 327 -21.09 20.32 7.19
C ALA A 327 -20.60 19.41 8.28
N PHE A 328 -19.43 18.83 8.10
CA PHE A 328 -18.92 17.86 9.07
C PHE A 328 -18.86 18.48 10.44
N LEU A 329 -18.25 19.64 10.52
CA LEU A 329 -17.96 20.26 11.80
C LEU A 329 -19.27 20.59 12.54
N ASN A 330 -20.19 21.17 11.82
CA ASN A 330 -21.56 21.45 12.27
C ASN A 330 -22.16 20.29 13.04
N GLU A 331 -22.10 19.12 12.43
CA GLU A 331 -22.56 17.87 13.02
C GLU A 331 -21.60 17.48 14.15
N ARG A 332 -20.35 17.16 13.80
CA ARG A 332 -19.40 16.53 14.69
C ARG A 332 -19.11 17.31 15.97
N MET A 333 -19.21 18.64 15.93
CA MET A 333 -18.74 19.43 17.05
C MET A 333 -19.79 19.64 18.13
N GLU A 334 -20.87 18.87 18.05
CA GLU A 334 -21.86 18.94 19.11
C GLU A 334 -21.33 18.35 20.41
N LEU A 335 -20.99 17.06 20.49
CA LEU A 335 -20.62 16.53 21.85
C LEU A 335 -19.28 17.07 22.41
N VAL A 336 -18.92 18.30 21.97
CA VAL A 336 -18.07 19.21 22.74
C VAL A 336 -19.00 20.25 23.32
N ASN A 337 -19.00 20.35 24.64
CA ASN A 337 -19.85 21.32 25.30
C ASN A 337 -19.27 22.70 25.13
N GLY A 338 -20.14 23.67 24.81
CA GLY A 338 -19.76 25.07 24.66
C GLY A 338 -19.35 25.78 25.94
N PRO B 1 16.94 -18.78 -23.50
CA PRO B 1 17.52 -19.45 -22.30
C PRO B 1 17.93 -18.42 -21.24
N PHE B 2 18.37 -18.89 -20.07
CA PHE B 2 18.84 -17.97 -18.99
C PHE B 2 19.89 -16.96 -19.45
N THR B 3 20.97 -17.42 -20.09
CA THR B 3 21.89 -16.54 -20.83
C THR B 3 21.30 -16.19 -22.20
N TYR B 4 21.27 -14.90 -22.51
CA TYR B 4 20.70 -14.47 -23.78
C TYR B 4 21.41 -15.22 -24.90
N SER B 5 20.70 -15.46 -26.01
CA SER B 5 21.24 -16.11 -27.22
C SER B 5 20.68 -15.56 -28.53
N ILE B 6 21.49 -14.81 -29.28
CA ILE B 6 21.09 -14.28 -30.62
C ILE B 6 20.38 -15.33 -31.45
N GLU B 7 20.91 -16.56 -31.42
CA GLU B 7 20.32 -17.70 -32.13
C GLU B 7 18.87 -18.01 -31.71
N ALA B 8 18.62 -18.12 -30.41
CA ALA B 8 17.31 -18.56 -29.91
C ALA B 8 16.26 -17.43 -30.07
N THR B 9 16.72 -16.19 -30.08
CA THR B 9 15.87 -15.02 -30.26
C THR B 9 15.41 -14.93 -31.73
N ARG B 10 16.34 -15.21 -32.64
CA ARG B 10 16.06 -15.16 -34.08
C ARG B 10 15.12 -16.31 -34.39
N ASN B 11 15.21 -17.38 -33.58
CA ASN B 11 14.38 -18.58 -33.74
C ASN B 11 12.95 -18.52 -33.16
N LEU B 12 12.60 -17.43 -32.49
CA LEU B 12 11.31 -17.31 -31.87
C LEU B 12 10.33 -16.83 -32.91
N ALA B 13 9.15 -17.45 -32.98
CA ALA B 13 8.02 -16.89 -33.74
C ALA B 13 7.75 -15.48 -33.21
N THR B 14 7.25 -14.56 -34.04
CA THR B 14 6.99 -13.21 -33.53
C THR B 14 6.09 -13.22 -32.28
N THR B 15 5.09 -14.12 -32.23
CA THR B 15 4.24 -14.24 -31.02
C THR B 15 4.98 -14.69 -29.75
N GLU B 16 6.18 -15.26 -29.85
CA GLU B 16 6.95 -15.72 -28.69
C GLU B 16 8.03 -14.70 -28.27
N ARG B 17 8.17 -13.64 -29.06
CA ARG B 17 9.19 -12.63 -28.82
C ARG B 17 8.92 -11.93 -27.50
N CYS B 18 9.99 -11.52 -26.85
CA CYS B 18 9.90 -10.96 -25.51
C CYS B 18 9.43 -9.48 -25.51
N ILE B 19 9.83 -8.72 -26.53
CA ILE B 19 9.27 -7.39 -26.82
C ILE B 19 8.24 -7.51 -27.96
N GLN B 20 7.10 -6.86 -27.77
CA GLN B 20 6.04 -6.79 -28.78
C GLN B 20 5.85 -5.33 -29.24
N ASP B 21 5.89 -5.11 -30.55
CA ASP B 21 5.63 -3.81 -31.15
C ASP B 21 4.12 -3.60 -31.21
N ILE B 22 3.61 -2.56 -30.54
CA ILE B 22 2.19 -2.18 -30.62
C ILE B 22 1.93 -0.73 -31.00
N ARG B 23 2.96 -0.07 -31.52
CA ARG B 23 2.83 1.30 -32.05
C ARG B 23 1.63 1.51 -33.00
N ASN B 24 1.50 0.61 -33.97
CA ASN B 24 0.39 0.64 -34.95
C ASN B 24 -0.75 -0.34 -34.59
N ALA B 25 -0.89 -0.69 -33.32
CA ALA B 25 -2.10 -1.33 -32.80
C ALA B 25 -2.25 -1.00 -31.29
N PRO B 26 -2.46 0.30 -30.95
CA PRO B 26 -2.31 0.76 -29.54
C PRO B 26 -3.45 0.35 -28.59
N VAL B 27 -3.21 0.55 -27.29
CA VAL B 27 -4.16 0.30 -26.20
C VAL B 27 -4.87 1.62 -25.84
N ARG B 28 -6.21 1.58 -25.72
CA ARG B 28 -7.02 2.77 -25.40
C ARG B 28 -6.49 3.47 -24.14
N ASN B 29 -6.30 4.78 -24.25
CA ASN B 29 -5.83 5.63 -23.15
C ASN B 29 -4.45 5.25 -22.59
N ARG B 30 -3.60 4.71 -23.47
CA ARG B 30 -2.25 4.30 -23.15
C ARG B 30 -1.38 4.59 -24.33
N SER B 31 -0.24 5.19 -24.05
CA SER B 31 0.74 5.56 -25.06
C SER B 31 1.84 4.50 -25.19
N THR B 32 1.63 3.34 -24.56
CA THR B 32 2.60 2.26 -24.54
C THR B 32 2.94 2.03 -25.98
N GLN B 33 4.22 1.91 -26.28
CA GLN B 33 4.66 1.67 -27.68
C GLN B 33 5.23 0.28 -27.88
N PHE B 34 5.88 -0.23 -26.83
CA PHE B 34 6.47 -1.55 -26.79
C PHE B 34 6.04 -2.23 -25.49
N GLN B 35 5.61 -3.47 -25.59
CA GLN B 35 5.07 -4.22 -24.45
C GLN B 35 6.06 -5.28 -24.04
N LEU B 36 6.17 -5.49 -22.73
CA LEU B 36 7.03 -6.53 -22.18
C LEU B 36 6.22 -7.78 -22.04
N ALA B 37 6.47 -8.74 -22.92
CA ALA B 37 5.78 -10.02 -22.88
C ALA B 37 6.22 -10.88 -21.70
N GLN B 38 5.72 -10.61 -20.51
CA GLN B 38 6.24 -11.34 -19.33
C GLN B 38 6.15 -12.88 -19.40
N GLN B 39 5.09 -13.44 -20.01
CA GLN B 39 4.96 -14.89 -20.12
C GLN B 39 5.98 -15.51 -21.07
N ASN B 40 6.17 -14.85 -22.21
CA ASN B 40 7.23 -15.17 -23.12
C ASN B 40 8.58 -15.11 -22.39
N MET B 41 8.77 -14.06 -21.59
CA MET B 41 10.03 -13.78 -20.87
C MET B 41 10.34 -14.86 -19.86
N LEU B 42 9.32 -15.26 -19.14
CA LEU B 42 9.42 -16.45 -18.34
C LEU B 42 9.80 -17.65 -19.24
N ALA B 43 9.07 -17.86 -20.32
CA ALA B 43 9.36 -18.97 -21.22
C ALA B 43 10.80 -18.94 -21.71
N TYR B 44 11.32 -17.77 -22.07
CA TYR B 44 12.65 -17.69 -22.70
C TYR B 44 13.81 -17.81 -21.69
N THR B 45 13.66 -17.19 -20.52
CA THR B 45 14.72 -17.12 -19.53
C THR B 45 14.67 -18.33 -18.59
N PHE B 46 13.48 -18.78 -18.21
CA PHE B 46 13.32 -19.95 -17.33
C PHE B 46 12.63 -21.12 -17.99
N GLY B 47 12.56 -21.11 -19.29
CA GLY B 47 12.00 -22.25 -20.01
C GLY B 47 12.57 -23.60 -19.57
N GLU B 48 13.87 -23.64 -19.25
CA GLU B 48 14.52 -24.87 -18.76
C GLU B 48 15.17 -24.80 -17.40
N VAL B 49 14.97 -23.70 -16.68
CA VAL B 49 15.71 -23.47 -15.43
C VAL B 49 14.72 -23.09 -14.35
N ILE B 50 14.75 -23.79 -13.22
CA ILE B 50 14.00 -23.40 -12.03
C ILE B 50 15.02 -23.17 -10.96
N PRO B 51 15.38 -21.90 -10.71
CA PRO B 51 16.36 -21.53 -9.71
C PRO B 51 16.26 -22.39 -8.46
N GLY B 52 17.42 -22.86 -8.00
CA GLY B 52 17.50 -23.70 -6.83
C GLY B 52 17.44 -25.16 -7.16
N PHE B 53 16.99 -25.48 -8.39
CA PHE B 53 16.87 -26.85 -8.92
C PHE B 53 17.59 -27.06 -10.25
N ALA B 54 18.54 -26.18 -10.55
CA ALA B 54 19.38 -26.28 -11.77
C ALA B 54 20.88 -26.36 -11.42
N SER B 55 21.71 -25.73 -12.23
CA SER B 55 23.14 -25.73 -11.99
C SER B 55 23.54 -25.04 -10.66
N ALA B 56 24.57 -25.58 -10.02
CA ALA B 56 25.15 -24.98 -8.83
C ALA B 56 25.33 -23.45 -9.00
N GLY B 57 25.75 -23.03 -10.20
CA GLY B 57 25.97 -21.62 -10.50
C GLY B 57 24.71 -20.84 -10.25
N ILE B 58 23.64 -21.24 -10.95
CA ILE B 58 22.31 -20.61 -10.86
C ILE B 58 21.80 -20.63 -9.45
N ASN B 59 21.73 -21.81 -8.87
CA ASN B 59 21.17 -21.96 -7.54
C ASN B 59 21.77 -21.00 -6.50
N GLY B 60 23.09 -20.90 -6.48
CA GLY B 60 23.79 -20.06 -5.51
C GLY B 60 24.07 -18.67 -6.03
N MET B 61 23.56 -18.36 -7.20
CA MET B 61 23.66 -17.03 -7.76
C MET B 61 22.89 -16.00 -6.89
N ASP B 62 23.32 -14.74 -6.98
CA ASP B 62 22.57 -13.68 -6.32
C ASP B 62 21.12 -13.65 -6.90
N TYR B 63 20.15 -13.86 -6.02
CA TYR B 63 18.78 -14.04 -6.45
C TYR B 63 18.27 -12.78 -7.14
N ARG B 64 18.77 -11.63 -6.73
CA ARG B 64 18.43 -10.40 -7.41
C ARG B 64 18.72 -10.44 -8.89
N ASP B 65 19.91 -10.90 -9.28
CA ASP B 65 20.32 -11.01 -10.69
C ASP B 65 19.57 -12.12 -11.41
N VAL B 66 19.16 -13.14 -10.67
CA VAL B 66 18.32 -14.20 -11.20
C VAL B 66 16.99 -13.64 -11.64
N ILE B 67 16.37 -12.80 -10.79
CA ILE B 67 15.05 -12.24 -11.04
C ILE B 67 15.14 -11.07 -12.01
N GLY B 68 16.30 -10.45 -12.08
CA GLY B 68 16.57 -9.40 -13.06
C GLY B 68 16.77 -9.88 -14.50
N ARG B 69 17.09 -11.16 -14.67
CA ARG B 69 17.53 -11.63 -16.00
C ARG B 69 16.48 -11.45 -17.13
N PRO B 70 15.19 -11.80 -16.91
CA PRO B 70 14.25 -11.71 -18.04
C PRO B 70 14.12 -10.31 -18.67
N VAL B 71 14.10 -9.29 -17.83
CA VAL B 71 13.93 -7.93 -18.29
C VAL B 71 15.21 -7.51 -18.97
N GLU B 72 16.35 -7.97 -18.47
CA GLU B 72 17.65 -7.78 -19.15
C GLU B 72 17.60 -8.43 -20.54
N ASN B 73 17.19 -9.69 -20.60
CA ASN B 73 17.14 -10.41 -21.87
C ASN B 73 16.18 -9.73 -22.87
N ALA B 74 15.05 -9.24 -22.34
CA ALA B 74 14.04 -8.50 -23.10
C ALA B 74 14.61 -7.18 -23.66
N VAL B 75 15.23 -6.39 -22.79
CA VAL B 75 15.95 -5.20 -23.24
C VAL B 75 16.98 -5.50 -24.34
N THR B 76 17.68 -6.62 -24.26
CA THR B 76 18.67 -6.92 -25.28
C THR B 76 17.91 -7.15 -26.60
N GLU B 77 16.86 -7.98 -26.54
CA GLU B 77 16.05 -8.27 -27.71
C GLU B 77 15.54 -7.01 -28.41
N GLY B 78 14.89 -6.17 -27.61
CA GLY B 78 14.31 -4.92 -28.10
C GLY B 78 15.29 -4.07 -28.85
N THR B 79 16.54 -4.04 -28.40
CA THR B 79 17.55 -3.16 -29.02
C THR B 79 18.04 -3.75 -30.31
N HIS B 80 17.99 -5.09 -30.37
CA HIS B 80 18.38 -5.80 -31.59
C HIS B 80 17.45 -5.42 -32.75
N PHE B 81 16.14 -5.48 -32.49
CA PHE B 81 15.11 -5.24 -33.51
C PHE B 81 14.72 -3.79 -33.72
N PHE B 82 14.76 -2.99 -32.67
CA PHE B 82 14.33 -1.61 -32.75
C PHE B 82 15.36 -0.64 -32.20
N ARG B 83 16.50 -0.62 -32.87
CA ARG B 83 17.72 0.07 -32.44
C ARG B 83 17.47 1.51 -31.92
N ASP B 84 17.03 2.42 -32.80
CA ASP B 84 16.72 3.79 -32.32
C ASP B 84 15.50 3.81 -31.31
N ASP B 85 14.37 3.23 -31.75
CA ASP B 85 13.07 3.51 -31.16
C ASP B 85 12.68 2.70 -29.93
N PHE B 86 13.50 1.73 -29.53
CA PHE B 86 13.12 0.92 -28.39
C PHE B 86 13.03 1.75 -27.10
N ARG B 87 11.83 1.83 -26.53
CA ARG B 87 11.56 2.61 -25.31
C ARG B 87 10.52 1.84 -24.52
N VAL B 88 10.82 1.64 -23.23
CA VAL B 88 9.91 1.03 -22.27
C VAL B 88 9.89 1.83 -20.94
N ASP B 89 8.71 2.18 -20.43
CA ASP B 89 8.63 2.91 -19.17
C ASP B 89 9.13 2.07 -17.98
N SER B 90 9.82 2.75 -17.06
CA SER B 90 10.21 2.13 -15.82
C SER B 90 9.03 1.39 -15.16
N ASN B 91 7.81 1.87 -15.37
CA ASN B 91 6.69 1.20 -14.74
C ASN B 91 6.34 -0.14 -15.40
N ALA B 92 6.71 -0.29 -16.68
CA ALA B 92 6.61 -1.58 -17.38
C ALA B 92 7.56 -2.58 -16.71
N LYS B 93 8.77 -2.13 -16.42
CA LYS B 93 9.72 -2.99 -15.76
C LYS B 93 9.27 -3.32 -14.34
N ALA B 94 8.83 -2.31 -13.59
CA ALA B 94 8.38 -2.54 -12.21
C ALA B 94 7.28 -3.60 -12.15
N LYS B 95 6.30 -3.51 -13.04
CA LYS B 95 5.19 -4.47 -13.02
C LYS B 95 5.70 -5.85 -13.34
N VAL B 96 6.54 -5.95 -14.37
CA VAL B 96 6.97 -7.26 -14.83
C VAL B 96 7.85 -7.93 -13.82
N ALA B 97 8.80 -7.15 -13.26
CA ALA B 97 9.79 -7.70 -12.26
C ALA B 97 9.10 -8.17 -11.00
N GLY B 98 7.99 -7.54 -10.66
CA GLY B 98 7.26 -7.94 -9.48
C GLY B 98 6.59 -9.26 -9.65
N ASP B 99 5.90 -9.41 -10.78
CA ASP B 99 5.24 -10.66 -11.13
C ASP B 99 6.24 -11.78 -11.36
N ILE B 100 7.37 -11.49 -12.01
CA ILE B 100 8.38 -12.52 -12.24
C ILE B 100 8.95 -13.00 -10.92
N PHE B 101 9.07 -12.08 -9.95
CA PHE B 101 9.53 -12.41 -8.62
C PHE B 101 8.55 -13.32 -7.91
N GLU B 102 7.26 -13.05 -8.08
CA GLU B 102 6.18 -13.86 -7.45
C GLU B 102 6.17 -15.21 -8.12
N ILE B 103 6.16 -15.23 -9.46
CA ILE B 103 6.01 -16.46 -10.24
C ILE B 103 7.20 -17.43 -10.07
N VAL B 104 8.42 -16.94 -10.26
CA VAL B 104 9.62 -17.78 -10.04
C VAL B 104 9.72 -18.32 -8.60
N SER B 105 9.46 -17.47 -7.61
CA SER B 105 9.59 -17.91 -6.23
C SER B 105 8.52 -18.94 -5.93
N SER B 106 7.35 -18.77 -6.56
CA SER B 106 6.27 -19.76 -6.41
C SER B 106 6.69 -21.06 -7.12
N ALA B 107 7.37 -20.94 -8.27
CA ALA B 107 7.92 -22.10 -8.97
C ALA B 107 9.01 -22.80 -8.16
N VAL B 108 9.74 -22.08 -7.30
CA VAL B 108 10.78 -22.74 -6.47
C VAL B 108 10.11 -23.53 -5.36
N MET B 109 9.07 -22.94 -4.79
CA MET B 109 8.26 -23.60 -3.76
C MET B 109 7.36 -24.72 -4.30
N TRP B 110 7.00 -24.68 -5.59
CA TRP B 110 6.35 -25.84 -6.21
C TRP B 110 7.28 -27.03 -6.16
N ASN B 111 8.48 -26.88 -6.74
CA ASN B 111 9.42 -28.01 -6.82
C ASN B 111 9.81 -28.51 -5.43
N CYS B 112 9.81 -27.64 -4.41
CA CYS B 112 10.11 -28.11 -3.06
C CYS B 112 9.01 -29.07 -2.61
N ALA B 113 7.81 -28.52 -2.43
CA ALA B 113 6.56 -29.26 -2.25
C ALA B 113 6.58 -30.62 -2.97
N ALA B 114 6.87 -30.63 -4.24
CA ALA B 114 6.91 -31.86 -5.01
C ALA B 114 7.96 -32.84 -4.42
N ARG B 115 9.20 -32.36 -4.30
CA ARG B 115 10.24 -33.17 -3.71
C ARG B 115 9.79 -33.67 -2.35
N TRP B 116 9.26 -32.77 -1.54
CA TRP B 116 8.84 -33.08 -0.17
C TRP B 116 7.73 -34.15 -0.13
N ASN B 117 6.73 -33.97 -0.98
CA ASN B 117 5.62 -34.91 -1.06
C ASN B 117 6.16 -36.30 -1.43
N SER B 118 7.05 -36.33 -2.42
CA SER B 118 7.71 -37.59 -2.85
C SER B 118 8.33 -38.33 -1.66
N LEU B 119 9.04 -37.62 -0.80
CA LEU B 119 9.52 -38.22 0.44
C LEU B 119 8.40 -38.73 1.35
N MET B 120 7.40 -37.86 1.58
CA MET B 120 6.27 -38.19 2.46
C MET B 120 5.52 -39.46 2.07
N VAL B 121 5.48 -39.72 0.76
CA VAL B 121 4.71 -40.82 0.17
C VAL B 121 5.50 -42.14 0.08
N GLY B 122 6.77 -42.13 0.49
CA GLY B 122 7.61 -43.33 0.46
C GLY B 122 8.41 -43.57 -0.82
N GLU B 123 8.63 -42.53 -1.62
CA GLU B 123 9.61 -42.55 -2.73
C GLU B 123 10.86 -42.01 -2.10
N GLY B 124 11.90 -41.75 -2.88
CA GLY B 124 13.14 -41.30 -2.23
C GLY B 124 13.15 -39.88 -1.64
N TRP B 125 14.34 -39.49 -1.17
CA TRP B 125 14.66 -38.09 -1.00
C TRP B 125 15.55 -37.67 -2.16
N ARG B 126 14.94 -37.15 -3.20
CA ARG B 126 15.68 -36.74 -4.37
C ARG B 126 16.87 -35.81 -4.06
N SER B 127 17.94 -35.95 -4.84
CA SER B 127 19.21 -35.33 -4.52
C SER B 127 19.81 -34.48 -5.61
N GLN B 128 19.08 -34.09 -6.66
CA GLN B 128 19.70 -33.19 -7.60
C GLN B 128 18.94 -31.90 -7.63
N PRO B 129 19.48 -30.83 -7.03
CA PRO B 129 20.66 -30.66 -6.18
C PRO B 129 20.48 -31.26 -4.80
N ARG B 130 21.60 -31.42 -4.10
CA ARG B 130 21.54 -31.99 -2.77
C ARG B 130 20.96 -30.94 -1.83
N TYR B 131 20.10 -31.40 -0.92
CA TYR B 131 19.47 -30.57 0.12
C TYR B 131 19.23 -31.43 1.35
N SER B 132 19.42 -30.86 2.53
CA SER B 132 19.35 -31.65 3.75
C SER B 132 18.12 -32.52 3.74
N ARG B 133 18.29 -33.82 3.98
CA ARG B 133 17.16 -34.70 3.98
C ARG B 133 16.37 -34.41 5.25
N PRO B 134 15.06 -34.13 5.13
CA PRO B 134 14.25 -33.85 6.30
C PRO B 134 14.16 -35.03 7.28
N THR B 135 14.14 -34.71 8.57
CA THR B 135 14.19 -35.67 9.66
C THR B 135 12.77 -36.07 10.10
N LEU B 136 11.75 -35.41 9.56
CA LEU B 136 10.37 -35.69 9.95
C LEU B 136 10.02 -37.10 9.52
N SER B 137 9.11 -37.73 10.22
CA SER B 137 8.70 -39.06 9.85
C SER B 137 7.65 -39.05 8.72
N PRO B 138 8.03 -39.51 7.50
CA PRO B 138 7.12 -39.49 6.34
C PRO B 138 5.69 -39.99 6.59
N SER B 139 4.73 -39.33 5.96
CA SER B 139 3.34 -39.82 5.92
C SER B 139 2.68 -39.11 4.79
N PRO B 140 1.93 -39.86 3.96
CA PRO B 140 1.17 -39.21 2.89
C PRO B 140 0.23 -38.08 3.40
N ARG B 141 -0.05 -38.08 4.70
CA ARG B 141 -0.85 -37.03 5.32
C ARG B 141 -0.09 -35.72 5.52
N ARG B 142 1.24 -35.74 5.45
CA ARG B 142 2.02 -34.53 5.61
C ARG B 142 2.35 -33.80 4.30
N GLN B 143 1.87 -34.33 3.17
CA GLN B 143 2.00 -33.63 1.89
C GLN B 143 1.41 -32.19 1.89
N VAL B 144 1.83 -31.37 0.93
CA VAL B 144 1.34 -29.99 0.83
C VAL B 144 1.23 -29.60 -0.63
N ALA B 145 0.28 -28.72 -0.91
CA ALA B 145 0.20 -28.03 -2.21
C ALA B 145 0.68 -26.57 -2.04
N VAL B 146 1.37 -26.07 -3.06
CA VAL B 146 1.82 -24.70 -3.07
C VAL B 146 0.99 -23.96 -4.13
N LEU B 147 0.11 -23.08 -3.65
CA LEU B 147 -0.83 -22.38 -4.53
C LEU B 147 -0.43 -20.91 -4.83
N ASN B 148 0.15 -20.69 -6.01
CA ASN B 148 0.22 -19.33 -6.48
C ASN B 148 -1.21 -18.81 -6.74
N LEU B 149 -1.72 -18.03 -5.80
CA LEU B 149 -3.02 -17.42 -5.91
C LEU B 149 -3.04 -16.28 -6.96
N PRO B 150 -4.17 -16.16 -7.67
CA PRO B 150 -4.27 -15.22 -8.77
C PRO B 150 -4.76 -13.89 -8.28
N ARG B 151 -4.54 -12.87 -9.10
CA ARG B 151 -5.14 -11.59 -8.85
C ARG B 151 -6.67 -11.77 -8.77
N SER B 152 -7.29 -11.01 -7.86
CA SER B 152 -8.73 -10.95 -7.69
C SER B 152 -9.26 -12.05 -6.82
N PHE B 153 -8.37 -12.79 -6.18
CA PHE B 153 -8.75 -13.97 -5.45
C PHE B 153 -9.25 -13.59 -4.11
N ASP B 154 -10.08 -14.48 -3.55
CA ASP B 154 -10.52 -14.44 -2.16
C ASP B 154 -10.12 -15.74 -1.52
N TRP B 155 -9.39 -15.67 -0.43
CA TRP B 155 -8.85 -16.86 0.18
C TRP B 155 -9.85 -17.69 0.92
N VAL B 156 -11.04 -17.17 1.18
CA VAL B 156 -12.01 -17.93 1.99
C VAL B 156 -12.53 -19.08 1.16
N SER B 157 -12.46 -18.97 -0.15
CA SER B 157 -12.89 -20.04 -1.06
C SER B 157 -12.00 -21.28 -1.09
N LEU B 158 -10.88 -21.26 -0.38
CA LEU B 158 -10.04 -22.43 -0.20
C LEU B 158 -10.67 -23.32 0.86
N LEU B 159 -11.44 -22.70 1.75
CA LEU B 159 -11.99 -23.39 2.92
C LEU B 159 -13.12 -24.34 2.53
N VAL B 160 -13.26 -25.40 3.30
CA VAL B 160 -14.37 -26.34 3.13
C VAL B 160 -15.64 -25.59 3.49
N PRO B 161 -16.77 -25.96 2.85
CA PRO B 161 -18.04 -25.26 3.01
C PRO B 161 -18.51 -25.08 4.47
N GLU B 162 -18.35 -26.08 5.36
CA GLU B 162 -18.70 -25.91 6.77
C GLU B 162 -18.07 -24.64 7.30
N SER B 163 -16.88 -24.32 6.82
CA SER B 163 -16.09 -23.26 7.43
C SER B 163 -16.33 -21.95 6.71
N GLN B 164 -16.52 -21.94 5.40
CA GLN B 164 -16.99 -20.72 4.73
C GLN B 164 -18.28 -20.17 5.41
N GLU B 165 -19.00 -21.12 6.03
CA GLU B 165 -20.31 -20.97 6.63
C GLU B 165 -20.29 -20.36 8.04
N VAL B 166 -19.38 -20.84 8.90
CA VAL B 166 -19.22 -20.23 10.21
C VAL B 166 -18.64 -18.82 10.06
N ILE B 167 -18.01 -18.54 8.91
CA ILE B 167 -17.59 -17.18 8.47
C ILE B 167 -18.73 -16.51 7.71
N GLU B 168 -19.94 -16.65 8.24
CA GLU B 168 -21.08 -15.93 7.68
C GLU B 168 -22.22 -15.77 8.66
N GLU B 169 -22.42 -16.76 9.53
CA GLU B 169 -23.13 -16.58 10.81
C GLU B 169 -22.62 -15.31 11.53
N PHE B 170 -21.28 -15.23 11.66
CA PHE B 170 -20.59 -14.08 12.23
C PHE B 170 -20.64 -12.90 11.30
N ARG B 171 -20.40 -13.13 10.00
CA ARG B 171 -20.46 -12.05 8.99
C ARG B 171 -21.85 -11.47 8.85
N ALA B 172 -22.89 -12.33 8.92
CA ALA B 172 -24.32 -11.90 8.81
C ALA B 172 -24.72 -10.89 9.88
N GLY B 173 -24.54 -11.23 11.17
CA GLY B 173 -24.79 -10.32 12.32
C GLY B 173 -23.79 -9.16 12.39
N LEU B 174 -23.62 -8.49 11.26
CA LEU B 174 -22.55 -7.52 11.06
C LEU B 174 -22.75 -6.60 9.83
N ARG B 175 -23.99 -6.36 9.36
CA ARG B 175 -24.18 -5.44 8.23
C ARG B 175 -25.39 -4.51 8.39
N GLY B 178 -24.50 -1.20 5.95
CA GLY B 178 -23.35 -0.38 5.46
C GLY B 178 -21.92 -0.72 5.99
N LEU B 179 -21.79 -1.79 6.78
CA LEU B 179 -20.47 -2.37 7.12
C LEU B 179 -20.41 -3.86 6.92
N GLY B 180 -19.18 -4.35 6.80
CA GLY B 180 -18.90 -5.73 6.43
C GLY B 180 -17.46 -6.06 6.82
N LEU B 181 -16.87 -7.09 6.23
CA LEU B 181 -15.49 -7.47 6.55
C LEU B 181 -14.90 -8.30 5.44
N PRO B 182 -14.56 -7.68 4.31
CA PRO B 182 -14.08 -8.49 3.19
C PRO B 182 -12.72 -9.10 3.39
N THR B 183 -12.45 -10.11 2.57
CA THR B 183 -11.20 -10.85 2.60
C THR B 183 -10.59 -10.77 1.22
N SER B 184 -9.27 -10.65 1.18
CA SER B 184 -8.55 -10.52 -0.07
C SER B 184 -7.65 -11.75 -0.29
N THR B 185 -6.33 -11.58 -0.42
CA THR B 185 -5.47 -12.73 -0.69
C THR B 185 -4.00 -12.53 -0.40
N PRO B 186 -3.33 -13.60 0.11
CA PRO B 186 -1.89 -13.60 0.05
C PRO B 186 -1.50 -13.87 -1.39
N ASP B 187 -0.24 -13.64 -1.72
CA ASP B 187 0.19 -13.93 -3.07
C ASP B 187 0.14 -15.45 -3.28
N LEU B 188 0.40 -16.16 -2.18
CA LEU B 188 0.70 -17.59 -2.19
C LEU B 188 0.24 -18.20 -0.89
N ALA B 189 -0.34 -19.39 -0.97
CA ALA B 189 -0.66 -20.18 0.22
C ALA B 189 -0.11 -21.59 0.11
N VAL B 190 0.37 -22.11 1.24
CA VAL B 190 0.82 -23.48 1.34
C VAL B 190 -0.21 -24.19 2.20
N VAL B 191 -1.01 -25.07 1.57
CA VAL B 191 -2.09 -25.81 2.27
C VAL B 191 -1.74 -27.30 2.43
N VAL B 192 -2.15 -27.94 3.53
CA VAL B 192 -1.99 -29.39 3.69
C VAL B 192 -2.76 -30.03 2.57
N LEU B 193 -2.20 -31.07 1.98
CA LEU B 193 -2.84 -31.70 0.82
C LEU B 193 -4.13 -32.40 1.28
N PRO B 194 -5.24 -32.14 0.60
CA PRO B 194 -6.47 -32.81 1.01
C PRO B 194 -6.42 -34.31 0.69
N GLU B 195 -7.02 -35.15 1.56
CA GLU B 195 -7.06 -36.63 1.43
C GLU B 195 -7.44 -37.14 0.03
N GLU B 196 -8.55 -36.66 -0.52
CA GLU B 196 -8.91 -36.94 -1.92
C GLU B 196 -7.69 -37.03 -2.84
N PHE B 197 -6.81 -36.04 -2.72
CA PHE B 197 -5.69 -35.86 -3.64
C PHE B 197 -4.35 -36.49 -3.17
N GLN B 198 -4.31 -37.05 -1.95
CA GLN B 198 -3.07 -37.53 -1.33
C GLN B 198 -2.34 -38.65 -2.11
N ASN B 199 -3.01 -39.18 -3.12
CA ASN B 199 -2.51 -40.25 -3.97
C ASN B 199 -2.34 -39.83 -5.40
N ASP B 200 -2.62 -38.57 -5.72
CA ASP B 200 -2.49 -38.08 -7.10
C ASP B 200 -1.06 -37.69 -7.36
N GLU B 201 -0.59 -37.91 -8.57
CA GLU B 201 0.83 -37.83 -8.87
C GLU B 201 1.33 -36.42 -9.15
N MET B 202 0.45 -35.57 -9.66
CA MET B 202 0.86 -34.22 -10.06
C MET B 202 1.54 -33.42 -8.92
N TRP B 203 1.24 -33.78 -7.67
CA TRP B 203 1.81 -33.12 -6.47
C TRP B 203 3.21 -33.62 -6.08
N ARG B 204 3.79 -34.51 -6.90
CA ARG B 204 5.10 -35.04 -6.59
C ARG B 204 6.04 -34.83 -7.75
N GLU B 205 5.64 -34.08 -8.75
CA GLU B 205 6.40 -33.97 -9.97
C GLU B 205 6.99 -32.57 -10.09
N GLU B 206 8.30 -32.45 -9.92
CA GLU B 206 8.99 -31.18 -10.15
C GLU B 206 8.94 -30.76 -11.62
N ILE B 207 8.87 -29.47 -11.92
CA ILE B 207 8.87 -29.04 -13.33
C ILE B 207 10.27 -28.61 -13.72
N ALA B 208 10.56 -28.79 -15.00
CA ALA B 208 11.88 -28.50 -15.54
C ALA B 208 12.05 -27.00 -15.90
N GLY B 209 10.97 -26.22 -15.92
CA GLY B 209 11.08 -24.82 -16.38
C GLY B 209 9.75 -24.11 -16.48
N LEU B 210 9.78 -22.83 -16.73
CA LEU B 210 8.57 -22.07 -16.78
C LEU B 210 8.22 -21.86 -18.25
N THR B 211 8.07 -22.98 -18.96
CA THR B 211 7.37 -22.97 -20.22
C THR B 211 5.92 -22.53 -19.97
N ARG B 212 5.24 -22.08 -21.01
CA ARG B 212 3.86 -21.63 -20.88
C ARG B 212 2.95 -22.66 -20.22
N PRO B 213 3.07 -23.95 -20.59
CA PRO B 213 2.19 -24.94 -19.99
C PRO B 213 2.52 -25.16 -18.54
N ASN B 214 3.79 -25.05 -18.18
CA ASN B 214 4.12 -25.15 -16.76
C ASN B 214 3.71 -23.90 -15.96
N GLN B 215 3.74 -22.73 -16.61
CA GLN B 215 3.20 -21.48 -16.02
C GLN B 215 1.74 -21.71 -15.65
N ILE B 216 0.98 -22.21 -16.64
CA ILE B 216 -0.46 -22.54 -16.48
C ILE B 216 -0.68 -23.59 -15.38
N LEU B 217 0.18 -24.62 -15.32
CA LEU B 217 0.00 -25.72 -14.34
C LEU B 217 0.03 -25.13 -12.94
N LEU B 218 1.11 -24.42 -12.63
CA LEU B 218 1.29 -23.86 -11.29
C LEU B 218 0.19 -22.85 -10.90
N SER B 219 -0.17 -22.00 -11.86
CA SER B 219 -1.07 -20.87 -11.66
C SER B 219 -2.53 -21.27 -11.59
N GLY B 220 -2.93 -22.33 -12.29
CA GLY B 220 -4.28 -22.87 -12.12
C GLY B 220 -4.44 -23.84 -10.95
N ALA B 221 -3.34 -24.20 -10.32
CA ALA B 221 -3.38 -25.25 -9.31
C ALA B 221 -4.40 -24.99 -8.19
N TYR B 222 -4.61 -23.71 -7.81
CA TYR B 222 -5.60 -23.34 -6.76
C TYR B 222 -7.03 -23.84 -7.01
N GLN B 223 -7.47 -23.86 -8.27
CA GLN B 223 -8.81 -24.37 -8.58
C GLN B 223 -9.09 -25.74 -7.96
N ARG B 224 -8.14 -26.65 -8.12
CA ARG B 224 -8.27 -28.03 -7.68
C ARG B 224 -8.54 -28.02 -6.17
N LEU B 225 -7.97 -27.07 -5.44
CA LEU B 225 -8.12 -27.09 -4.01
C LEU B 225 -9.26 -26.23 -3.46
N GLN B 226 -9.86 -25.38 -4.30
CA GLN B 226 -10.99 -24.53 -3.87
C GLN B 226 -12.05 -25.42 -3.26
N GLY B 227 -12.37 -25.15 -2.02
CA GLY B 227 -13.48 -25.84 -1.40
C GLY B 227 -13.07 -26.98 -0.54
N ARG B 228 -11.82 -27.42 -0.61
CA ARG B 228 -11.42 -28.65 0.09
C ARG B 228 -10.39 -28.47 1.24
N VAL B 229 -10.13 -27.24 1.69
CA VAL B 229 -9.08 -27.07 2.74
C VAL B 229 -9.64 -26.74 4.11
N GLN B 230 -9.23 -27.47 5.13
CA GLN B 230 -9.69 -27.22 6.49
C GLN B 230 -9.00 -25.96 7.00
N PRO B 231 -9.44 -25.38 8.14
CA PRO B 231 -8.89 -24.11 8.60
C PRO B 231 -7.51 -24.16 9.20
N GLY B 232 -7.18 -25.20 9.99
CA GLY B 232 -5.78 -25.41 10.48
C GLY B 232 -4.82 -26.00 9.44
N GLU B 233 -5.33 -26.23 8.23
CA GLU B 233 -4.58 -26.82 7.15
C GLU B 233 -4.07 -25.79 6.14
N ILE B 234 -4.25 -24.51 6.44
CA ILE B 234 -3.61 -23.46 5.65
C ILE B 234 -2.30 -23.20 6.37
N SER B 235 -1.18 -23.72 5.84
CA SER B 235 0.04 -23.80 6.64
C SER B 235 0.93 -22.57 6.65
N LEU B 236 1.03 -21.90 5.50
CA LEU B 236 1.77 -20.65 5.37
C LEU B 236 1.10 -19.79 4.37
N ALA B 237 1.14 -18.49 4.62
CA ALA B 237 0.87 -17.48 3.61
C ALA B 237 2.14 -16.64 3.29
N VAL B 238 2.35 -16.33 2.02
CA VAL B 238 3.47 -15.51 1.60
C VAL B 238 2.98 -14.30 0.79
N ALA B 239 3.68 -13.18 0.99
CA ALA B 239 3.51 -11.97 0.18
C ALA B 239 4.84 -11.64 -0.38
N PHE B 240 4.95 -11.68 -1.68
CA PHE B 240 6.14 -11.23 -2.37
C PHE B 240 6.02 -9.73 -2.72
N LYS B 241 6.96 -8.93 -2.18
CA LYS B 241 7.28 -7.59 -2.64
C LYS B 241 8.78 -7.51 -3.04
N ARG B 242 9.10 -7.25 -4.29
CA ARG B 242 10.51 -7.30 -4.73
C ARG B 242 11.36 -6.31 -3.95
N SER B 243 10.92 -5.07 -3.94
CA SER B 243 11.53 -4.09 -3.08
C SER B 243 10.42 -3.56 -2.20
N LEU B 244 10.83 -2.92 -1.10
CA LEU B 244 9.92 -2.31 -0.14
C LEU B 244 9.96 -0.78 -0.21
N ARG B 245 8.80 -0.21 0.15
CA ARG B 245 8.66 1.20 0.48
C ARG B 245 7.72 1.23 1.70
N SER B 246 7.80 2.24 2.54
CA SER B 246 7.09 2.15 3.79
C SER B 246 5.56 2.20 3.58
N ASP B 247 5.09 2.74 2.46
CA ASP B 247 3.65 2.74 2.24
C ASP B 247 3.20 1.42 1.69
N ARG B 248 4.14 0.73 1.04
CA ARG B 248 3.79 -0.54 0.42
C ARG B 248 3.88 -1.74 1.32
N LEU B 249 3.90 -1.55 2.63
CA LEU B 249 3.98 -2.67 3.59
C LEU B 249 2.65 -3.21 4.09
N TYR B 250 1.59 -2.43 3.97
CA TYR B 250 0.45 -2.61 4.83
C TYR B 250 -0.57 -3.63 4.35
N GLN B 251 -0.71 -3.85 3.03
CA GLN B 251 -1.66 -4.87 2.54
C GLN B 251 -1.44 -6.28 3.12
N PRO B 252 -0.18 -6.75 3.24
CA PRO B 252 0.01 -8.01 3.97
C PRO B 252 -0.34 -7.94 5.46
N LEU B 253 0.04 -6.85 6.13
CA LEU B 253 -0.22 -6.72 7.57
C LEU B 253 -1.73 -6.70 7.82
N TYR B 254 -2.50 -6.04 6.97
CA TYR B 254 -3.94 -6.05 7.14
C TYR B 254 -4.45 -7.47 6.94
N GLU B 255 -4.10 -8.06 5.81
CA GLU B 255 -4.68 -9.36 5.45
C GLU B 255 -4.32 -10.46 6.45
N ALA B 256 -3.10 -10.45 6.98
CA ALA B 256 -2.71 -11.36 8.04
C ALA B 256 -3.62 -11.20 9.25
N ASN B 257 -3.94 -9.96 9.61
CA ASN B 257 -4.82 -9.70 10.76
C ASN B 257 -6.24 -10.25 10.57
N VAL B 258 -6.80 -10.05 9.39
CA VAL B 258 -8.14 -10.52 9.09
C VAL B 258 -8.15 -12.04 9.11
N MET B 259 -7.18 -12.64 8.40
CA MET B 259 -7.00 -14.10 8.37
C MET B 259 -6.92 -14.62 9.80
N GLN B 260 -6.18 -13.90 10.63
CA GLN B 260 -5.99 -14.33 12.00
C GLN B 260 -7.30 -14.19 12.77
N LEU B 261 -8.02 -13.09 12.56
CA LEU B 261 -9.27 -12.89 13.25
C LEU B 261 -10.26 -14.05 12.93
N LEU B 262 -10.50 -14.28 11.64
CA LEU B 262 -11.41 -15.32 11.19
C LEU B 262 -10.94 -16.76 11.55
N LEU B 263 -9.81 -17.19 10.96
CA LEU B 263 -9.28 -18.56 11.20
C LEU B 263 -9.02 -18.91 12.68
N GLU B 264 -8.42 -17.99 13.46
CA GLU B 264 -8.09 -18.31 14.85
C GLU B 264 -9.26 -18.08 15.78
N GLY B 265 -9.91 -16.93 15.64
CA GLY B 265 -10.94 -16.53 16.60
C GLY B 265 -12.31 -17.10 16.33
N LYS B 266 -12.69 -17.16 15.07
CA LYS B 266 -14.02 -17.55 14.72
C LYS B 266 -14.06 -18.94 14.11
N LEU B 267 -12.91 -19.60 14.00
CA LEU B 267 -12.81 -20.96 13.44
C LEU B 267 -11.83 -21.85 14.24
N GLY B 268 -11.14 -21.29 15.23
CA GLY B 268 -10.21 -22.06 16.08
C GLY B 268 -8.96 -22.72 15.48
N ALA B 269 -8.37 -22.16 14.41
CA ALA B 269 -7.09 -22.68 13.92
C ALA B 269 -5.97 -22.34 14.88
N PRO B 270 -4.83 -23.03 14.76
CA PRO B 270 -3.61 -22.50 15.41
C PRO B 270 -3.11 -21.18 14.73
N LYS B 271 -2.18 -20.48 15.38
CA LYS B 271 -1.46 -19.31 14.84
C LYS B 271 -1.25 -19.42 13.34
N VAL B 272 -1.75 -18.42 12.60
CA VAL B 272 -1.71 -18.42 11.15
C VAL B 272 -0.36 -17.82 10.76
N GLU B 273 0.56 -18.67 10.31
CA GLU B 273 1.87 -18.23 9.87
C GLU B 273 1.82 -17.45 8.53
N PHE B 274 2.25 -16.19 8.57
CA PHE B 274 2.21 -15.31 7.39
C PHE B 274 3.55 -14.60 7.26
N GLU B 275 4.13 -14.63 6.06
CA GLU B 275 5.43 -13.99 5.88
C GLU B 275 5.51 -13.19 4.58
N VAL B 276 6.53 -12.33 4.54
CA VAL B 276 6.75 -11.44 3.41
C VAL B 276 8.19 -11.62 2.88
N HIS B 277 8.31 -11.75 1.57
CA HIS B 277 9.62 -11.94 0.93
C HIS B 277 9.94 -10.64 0.19
N THR B 278 11.14 -10.11 0.36
CA THR B 278 11.61 -9.00 -0.41
C THR B 278 13.10 -9.19 -0.70
N LEU B 279 13.59 -8.54 -1.75
CA LEU B 279 15.02 -8.53 -2.12
C LEU B 279 15.69 -7.17 -1.77
N ALA B 280 14.88 -6.17 -1.44
CA ALA B 280 15.41 -4.83 -1.18
C ALA B 280 14.56 -4.08 -0.15
N PRO B 281 14.85 -4.28 1.16
CA PRO B 281 14.08 -3.64 2.23
C PRO B 281 14.44 -2.18 2.57
N GLU B 282 15.41 -1.60 1.86
CA GLU B 282 15.93 -0.23 2.10
C GLU B 282 15.75 0.20 3.59
N GLY B 283 14.98 1.28 3.84
CA GLY B 283 14.39 1.64 5.15
C GLY B 283 13.90 0.49 6.05
N THR B 284 14.83 0.03 6.93
CA THR B 284 14.68 -1.14 7.90
C THR B 284 13.67 -0.93 9.07
N ASN B 285 13.02 0.25 9.01
CA ASN B 285 11.65 0.43 9.42
C ASN B 285 10.82 -0.85 9.17
N ALA B 286 10.96 -1.44 7.98
CA ALA B 286 10.13 -2.55 7.57
C ALA B 286 10.12 -3.71 8.59
N PHE B 287 11.29 -4.07 9.11
CA PHE B 287 11.40 -5.16 10.08
C PHE B 287 10.70 -4.80 11.38
N VAL B 288 10.83 -3.55 11.78
CA VAL B 288 10.20 -3.04 12.98
C VAL B 288 8.68 -2.92 12.80
N THR B 289 8.25 -2.52 11.60
CA THR B 289 6.82 -2.48 11.26
C THR B 289 6.17 -3.87 11.36
N TYR B 290 6.92 -4.91 11.05
CA TYR B 290 6.37 -6.26 10.95
C TYR B 290 6.54 -7.02 12.27
N GLU B 291 7.00 -6.32 13.28
CA GLU B 291 6.90 -6.79 14.67
C GLU B 291 5.52 -6.49 15.24
N ALA B 292 4.55 -6.10 14.39
CA ALA B 292 3.23 -5.69 14.89
C ALA B 292 2.44 -6.86 15.53
N ALA B 293 1.94 -6.63 16.74
CA ALA B 293 1.06 -7.61 17.41
C ALA B 293 -0.17 -7.84 16.58
N SER B 294 -0.70 -9.06 16.61
CA SER B 294 -1.93 -9.34 15.91
C SER B 294 -3.08 -8.67 16.63
N LEU B 295 -3.85 -7.86 15.91
CA LEU B 295 -4.83 -6.99 16.56
C LEU B 295 -5.90 -7.80 17.31
N TYR B 296 -6.46 -8.80 16.62
CA TYR B 296 -7.47 -9.69 17.16
C TYR B 296 -7.05 -10.30 18.50
N GLY B 297 -5.82 -10.84 18.56
CA GLY B 297 -5.22 -11.43 19.78
C GLY B 297 -5.06 -10.52 21.03
N LEU B 298 -5.12 -9.20 20.85
CA LEU B 298 -5.05 -8.25 21.95
C LEU B 298 -6.43 -7.98 22.51
N ALA B 299 -7.44 -8.58 21.90
CA ALA B 299 -8.79 -8.63 22.48
C ALA B 299 -9.03 -9.88 23.41
N GLU B 300 -8.44 -11.05 23.06
CA GLU B 300 -8.66 -12.35 23.79
C GLU B 300 -8.07 -12.49 25.25
N GLY B 301 -6.73 -12.55 25.43
CA GLY B 301 -6.16 -12.84 26.77
C GLY B 301 -4.66 -13.13 26.84
N VAL B 305 -0.77 -14.09 23.02
CA VAL B 305 -0.57 -13.17 21.88
C VAL B 305 0.61 -13.53 20.95
N HIS B 306 0.54 -13.16 19.69
CA HIS B 306 1.64 -13.42 18.78
C HIS B 306 1.66 -12.37 17.64
N ARG B 307 2.57 -12.51 16.68
CA ARG B 307 2.77 -11.48 15.67
C ARG B 307 1.75 -11.66 14.57
N ALA B 308 1.41 -10.59 13.88
CA ALA B 308 0.59 -10.74 12.70
C ALA B 308 1.46 -11.29 11.55
N ILE B 309 2.55 -10.59 11.26
CA ILE B 309 3.50 -11.05 10.27
C ILE B 309 4.70 -11.74 10.95
N ARG B 310 4.97 -13.00 10.60
CA ARG B 310 5.98 -13.81 11.34
C ARG B 310 7.44 -13.39 11.03
N GLU B 311 7.68 -12.92 9.80
CA GLU B 311 9.02 -12.66 9.37
C GLU B 311 9.02 -11.86 8.06
N LEU B 312 9.94 -10.89 8.01
CA LEU B 312 10.34 -10.32 6.75
C LEU B 312 11.61 -11.09 6.39
N TYR B 313 11.58 -11.79 5.26
CA TYR B 313 12.67 -12.66 4.83
C TYR B 313 13.22 -12.09 3.57
N VAL B 314 14.53 -12.09 3.49
CA VAL B 314 15.27 -11.55 2.40
C VAL B 314 16.16 -12.67 1.88
N PRO B 315 15.76 -13.33 0.80
CA PRO B 315 16.50 -14.44 0.17
C PRO B 315 17.76 -14.02 -0.54
N PRO B 316 18.89 -14.63 -0.18
CA PRO B 316 20.10 -14.28 -0.91
C PRO B 316 20.15 -14.98 -2.24
N THR B 317 19.78 -16.25 -2.25
CA THR B 317 19.89 -17.11 -3.42
C THR B 317 18.67 -18.02 -3.55
N ALA B 318 18.34 -18.36 -4.78
CA ALA B 318 17.39 -19.42 -5.07
C ALA B 318 17.42 -20.57 -4.07
N ALA B 319 18.62 -21.04 -3.69
CA ALA B 319 18.79 -22.29 -2.89
C ALA B 319 18.50 -22.05 -1.45
N ASP B 320 18.91 -20.90 -0.95
CA ASP B 320 18.42 -20.45 0.33
C ASP B 320 16.87 -20.46 0.45
N LEU B 321 16.16 -19.98 -0.58
CA LEU B 321 14.68 -20.02 -0.58
C LEU B 321 14.20 -21.44 -0.24
N ALA B 322 14.78 -22.41 -0.95
CA ALA B 322 14.50 -23.81 -0.77
C ALA B 322 15.01 -24.40 0.57
N ARG B 323 16.15 -23.98 1.12
CA ARG B 323 16.54 -24.51 2.44
C ARG B 323 15.51 -24.14 3.49
N ARG B 324 15.12 -22.87 3.46
CA ARG B 324 14.21 -22.30 4.45
C ARG B 324 12.83 -22.97 4.43
N PHE B 325 12.33 -23.18 3.22
CA PHE B 325 11.01 -23.75 3.04
C PHE B 325 11.00 -25.22 3.46
N PHE B 326 12.06 -25.97 3.11
CA PHE B 326 12.22 -27.33 3.61
C PHE B 326 12.27 -27.30 5.11
N ALA B 327 13.12 -26.45 5.68
CA ALA B 327 13.21 -26.42 7.13
C ALA B 327 11.83 -26.10 7.65
N PHE B 328 11.06 -25.27 6.93
CA PHE B 328 9.72 -24.90 7.42
C PHE B 328 8.84 -26.11 7.56
N LEU B 329 8.67 -26.78 6.43
CA LEU B 329 7.88 -27.99 6.34
C LEU B 329 8.32 -28.96 7.41
N ASN B 330 9.61 -29.27 7.44
CA ASN B 330 10.11 -30.20 8.44
C ASN B 330 9.63 -29.88 9.86
N GLU B 331 9.49 -28.59 10.17
CA GLU B 331 9.06 -28.20 11.51
C GLU B 331 7.56 -28.19 11.59
N ARG B 332 6.95 -27.41 10.73
CA ARG B 332 5.51 -27.21 10.75
C ARG B 332 4.65 -28.50 10.60
N MET B 333 4.97 -29.37 9.66
CA MET B 333 4.19 -30.59 9.46
C MET B 333 4.37 -31.60 10.61
N GLU B 334 5.31 -31.33 11.51
CA GLU B 334 5.40 -32.07 12.76
C GLU B 334 4.04 -32.03 13.46
N LEU B 335 3.39 -30.85 13.44
CA LEU B 335 2.06 -30.74 14.00
C LEU B 335 1.20 -31.87 13.47
N VAL B 336 0.94 -31.90 12.15
CA VAL B 336 0.01 -32.87 11.51
C VAL B 336 0.30 -34.36 11.81
N ASN B 337 -0.76 -35.11 12.16
CA ASN B 337 -0.63 -36.52 12.55
C ASN B 337 -0.41 -37.42 11.33
N GLY B 338 0.51 -38.37 11.49
CA GLY B 338 0.65 -39.51 10.56
C GLY B 338 0.01 -40.77 11.16
CA CA E . -1.50 10.08 1.58
CA CA F . 8.60 6.89 -17.06
CA CA G . 2.67 -9.13 -3.51
#